data_2NTP
#
_entry.id   2NTP
#
_cell.length_a   51.091
_cell.length_b   85.000
_cell.length_c   97.325
_cell.angle_alpha   90.00
_cell.angle_beta   93.56
_cell.angle_gamma   90.00
#
_symmetry.space_group_name_H-M   'P 1 21 1'
#
loop_
_entity.id
_entity.type
_entity.pdbx_description
1 polymer 'Pectinesterase A'
2 branched 'methyl alpha-D-galactopyranuronate-(1-4)-alpha-D-galactopyranuronic acid-(1-4)-alpha-D-galactopyranuronic acid-(1-4)-alpha-D-galactopyranuronic acid-(1-4)-alpha-D-galactopyranuronic acid-(1-4)-alpha-D-galactopyranuronic acid'
3 branched 'methyl beta-D-galactopyranuronate-(1-4)-alpha-D-galactopyranuronic acid-(1-4)-alpha-D-galactopyranuronic acid-(1-4)-alpha-D-galactopyranuronic acid-(1-4)-alpha-D-galactopyranuronic acid-(1-4)-alpha-D-galactopyranuronic acid'
4 water water
#
_entity_poly.entity_id   1
_entity_poly.type   'polypeptide(L)'
_entity_poly.pdbx_seq_one_letter_code
;ATTYNAVVSKSSSDGKTFKTIADAIASAPAGSTPFVILIKNGVYNERLTITRNNLHLKGESRNGAVIAAATAAGTLKSDG
SKWGTAGSSTITISAKDFSAQSLTIRNDFDFPANQAKSDSDSSKIKDTQAVALYVTKSGDRAYFKDVSLVGYQDTLYVSG
GRSFFSDCRISGTVDFIFGDGTALFNNCDLVSRYRADVKSGNVSGYLTAPSTNINQKYGLVITNSRVIRESDSVPAKSYG
LGRPWHPTTTFSDGRYADPNAIGQTVFLNTSMDNHIYGWDKMSGKDKNGNTIWFNPEDSRFFEYKSYGAGATVSKDRRQL
TDAQAAEYTQSKVLGDWTPTLP
;
_entity_poly.pdbx_strand_id   A,B
#
loop_
_chem_comp.id
_chem_comp.type
_chem_comp.name
_chem_comp.formula
ADA D-saccharide, alpha linking 'alpha-D-galactopyranuronic acid' 'C6 H10 O7'
M8C D-saccharide, alpha linking 'methyl alpha-D-galactopyranuronate' 'C7 H12 O7'
SHB D-saccharide, beta linking 'methyl beta-D-galactopyranuronate' 'C7 H12 O7'
#
# COMPACT_ATOMS: atom_id res chain seq x y z
N ALA A 1 -23.74 -27.89 -16.56
CA ALA A 1 -24.47 -27.90 -17.86
C ALA A 1 -24.64 -26.49 -18.41
N THR A 2 -24.02 -26.24 -19.56
CA THR A 2 -24.13 -24.95 -20.25
C THR A 2 -24.38 -25.14 -21.75
N THR A 3 -25.40 -24.46 -22.26
CA THR A 3 -25.78 -24.54 -23.67
C THR A 3 -25.98 -23.14 -24.28
N TYR A 4 -25.84 -23.04 -25.61
CA TYR A 4 -25.99 -21.77 -26.31
C TYR A 4 -27.24 -21.73 -27.18
N ASN A 5 -27.98 -20.63 -27.08
CA ASN A 5 -29.17 -20.40 -27.90
C ASN A 5 -28.82 -20.00 -29.32
N ALA A 6 -27.70 -19.29 -29.48
CA ALA A 6 -27.21 -18.85 -30.79
C ALA A 6 -25.68 -18.80 -30.79
N VAL A 7 -25.10 -18.99 -31.98
CA VAL A 7 -23.64 -18.91 -32.14
C VAL A 7 -23.31 -17.94 -33.27
N VAL A 8 -22.33 -17.07 -33.03
CA VAL A 8 -21.83 -16.14 -34.04
C VAL A 8 -20.41 -16.55 -34.43
N SER A 9 -20.14 -16.58 -35.74
CA SER A 9 -18.80 -16.90 -36.24
C SER A 9 -18.50 -16.19 -37.56
N LYS A 10 -17.21 -16.02 -37.83
CA LYS A 10 -16.74 -15.41 -39.08
C LYS A 10 -16.76 -16.41 -40.22
N SER A 11 -16.67 -17.69 -39.89
CA SER A 11 -16.57 -18.76 -40.88
C SER A 11 -17.92 -19.40 -41.21
N SER A 12 -18.14 -19.66 -42.50
CA SER A 12 -19.32 -20.38 -42.96
C SER A 12 -19.13 -21.89 -42.81
N SER A 13 -17.89 -22.29 -42.53
CA SER A 13 -17.51 -23.68 -42.30
C SER A 13 -17.99 -24.18 -40.92
N ASP A 14 -18.35 -23.26 -40.04
CA ASP A 14 -18.88 -23.58 -38.72
C ASP A 14 -20.25 -24.27 -38.81
N GLY A 15 -21.07 -23.83 -39.76
CA GLY A 15 -22.37 -24.44 -40.02
C GLY A 15 -23.56 -23.54 -39.73
N LYS A 16 -24.29 -23.87 -38.67
CA LYS A 16 -25.52 -23.16 -38.31
C LYS A 16 -25.26 -21.96 -37.39
N THR A 17 -24.49 -21.00 -37.91
CA THR A 17 -24.07 -19.83 -37.13
C THR A 17 -24.51 -18.50 -37.76
N PHE A 18 -24.66 -17.48 -36.93
CA PHE A 18 -24.96 -16.13 -37.39
C PHE A 18 -23.70 -15.41 -37.82
N LYS A 19 -23.83 -14.53 -38.82
CA LYS A 19 -22.68 -13.77 -39.32
C LYS A 19 -22.39 -12.55 -38.47
N THR A 20 -23.44 -11.93 -37.92
CA THR A 20 -23.29 -10.74 -37.07
C THR A 20 -23.91 -10.95 -35.70
N ILE A 21 -23.36 -10.26 -34.70
CA ILE A 21 -23.88 -10.31 -33.32
C ILE A 21 -25.27 -9.68 -33.24
N ALA A 22 -25.46 -8.57 -33.95
CA ALA A 22 -26.77 -7.91 -34.02
C ALA A 22 -27.88 -8.85 -34.49
N ASP A 23 -27.59 -9.66 -35.49
CA ASP A 23 -28.56 -10.64 -36.01
C ASP A 23 -28.89 -11.71 -34.98
N ALA A 24 -27.86 -12.21 -34.28
CA ALA A 24 -28.04 -13.22 -33.22
C ALA A 24 -28.90 -12.69 -32.08
N ILE A 25 -28.63 -11.45 -31.66
CA ILE A 25 -29.40 -10.80 -30.60
C ILE A 25 -30.86 -10.58 -31.02
N ALA A 26 -31.06 -10.11 -32.24
CA ALA A 26 -32.39 -9.89 -32.78
C ALA A 26 -33.20 -11.19 -32.88
N SER A 27 -32.51 -12.30 -33.15
CA SER A 27 -33.13 -13.63 -33.28
C SER A 27 -33.84 -14.12 -32.01
N ALA A 28 -33.48 -13.55 -30.86
CA ALA A 28 -34.01 -13.98 -29.56
C ALA A 28 -35.51 -13.76 -29.47
N PRO A 29 -36.26 -14.76 -28.95
CA PRO A 29 -37.69 -14.58 -28.78
C PRO A 29 -37.99 -13.43 -27.83
N ALA A 30 -39.08 -12.71 -28.08
CA ALA A 30 -39.52 -11.64 -27.20
C ALA A 30 -39.79 -12.18 -25.80
N GLY A 31 -39.37 -11.43 -24.78
CA GLY A 31 -39.57 -11.85 -23.39
C GLY A 31 -38.32 -11.74 -22.54
N SER A 32 -38.25 -12.55 -21.48
CA SER A 32 -37.22 -12.40 -20.46
C SER A 32 -36.59 -13.71 -19.98
N THR A 33 -36.85 -14.80 -20.70
CA THR A 33 -36.12 -16.06 -20.50
C THR A 33 -34.66 -15.83 -20.88
N PRO A 34 -33.72 -16.54 -20.22
CA PRO A 34 -32.31 -16.35 -20.57
C PRO A 34 -32.01 -16.67 -22.04
N PHE A 35 -31.21 -15.81 -22.67
CA PHE A 35 -30.76 -16.05 -24.04
C PHE A 35 -29.25 -15.85 -24.08
N VAL A 36 -28.55 -16.92 -24.45
CA VAL A 36 -27.08 -16.96 -24.37
C VAL A 36 -26.48 -17.12 -25.77
N ILE A 37 -25.59 -16.19 -26.13
CA ILE A 37 -24.96 -16.18 -27.44
C ILE A 37 -23.45 -16.39 -27.33
N LEU A 38 -22.95 -17.42 -28.03
CA LEU A 38 -21.52 -17.64 -28.13
C LEU A 38 -21.00 -16.86 -29.33
N ILE A 39 -19.94 -16.09 -29.10
CA ILE A 39 -19.30 -15.32 -30.17
C ILE A 39 -17.89 -15.88 -30.40
N LYS A 40 -17.70 -16.55 -31.53
CA LYS A 40 -16.38 -17.11 -31.88
C LYS A 40 -15.39 -15.99 -32.22
N ASN A 41 -14.10 -16.28 -32.06
CA ASN A 41 -13.01 -15.33 -32.33
C ASN A 41 -13.17 -14.58 -33.65
N GLY A 42 -12.91 -13.29 -33.60
CA GLY A 42 -13.04 -12.43 -34.77
C GLY A 42 -13.28 -11.00 -34.32
N VAL A 43 -13.08 -10.05 -35.24
CA VAL A 43 -13.37 -8.65 -34.98
C VAL A 43 -14.69 -8.31 -35.66
N TYR A 44 -15.70 -8.01 -34.84
CA TYR A 44 -17.03 -7.71 -35.31
C TYR A 44 -17.24 -6.19 -35.29
N ASN A 45 -17.27 -5.60 -36.49
CA ASN A 45 -17.44 -4.16 -36.62
C ASN A 45 -18.93 -3.80 -36.53
N GLU A 46 -19.41 -3.68 -35.29
CA GLU A 46 -20.82 -3.51 -35.02
C GLU A 46 -21.04 -2.55 -33.87
N ARG A 47 -22.16 -1.86 -33.93
CA ARG A 47 -22.67 -1.10 -32.79
C ARG A 47 -23.97 -1.74 -32.35
N LEU A 48 -24.10 -1.93 -31.03
CA LEU A 48 -25.22 -2.69 -30.48
C LEU A 48 -25.96 -1.92 -29.39
N THR A 49 -27.28 -2.05 -29.38
CA THR A 49 -28.11 -1.53 -28.30
C THR A 49 -28.94 -2.69 -27.77
N ILE A 50 -28.74 -2.99 -26.49
CA ILE A 50 -29.38 -4.14 -25.85
C ILE A 50 -30.63 -3.68 -25.11
N THR A 51 -31.79 -4.15 -25.55
CA THR A 51 -33.06 -3.76 -24.94
C THR A 51 -33.82 -4.96 -24.40
N ARG A 52 -33.29 -6.15 -24.64
CA ARG A 52 -33.90 -7.37 -24.13
C ARG A 52 -33.28 -7.78 -22.80
N ASN A 53 -34.15 -7.99 -21.82
CA ASN A 53 -33.74 -8.45 -20.50
C ASN A 53 -33.18 -9.87 -20.56
N ASN A 54 -32.23 -10.17 -19.67
CA ASN A 54 -31.69 -11.53 -19.50
C ASN A 54 -30.95 -12.04 -20.73
N LEU A 55 -30.26 -11.12 -21.41
CA LEU A 55 -29.42 -11.47 -22.57
C LEU A 55 -27.97 -11.58 -22.11
N HIS A 56 -27.28 -12.59 -22.66
CA HIS A 56 -25.92 -12.94 -22.22
C HIS A 56 -25.01 -13.26 -23.42
N LEU A 57 -23.88 -12.57 -23.48
CA LEU A 57 -22.89 -12.78 -24.52
C LEU A 57 -21.66 -13.44 -23.93
N LYS A 58 -21.15 -14.46 -24.60
CA LYS A 58 -19.93 -15.14 -24.20
C LYS A 58 -18.99 -15.26 -25.41
N GLY A 59 -17.85 -14.58 -25.33
CA GLY A 59 -16.84 -14.65 -26.39
C GLY A 59 -15.97 -15.89 -26.22
N GLU A 60 -15.39 -16.34 -27.34
CA GLU A 60 -14.48 -17.48 -27.33
C GLU A 60 -13.25 -17.23 -26.48
N SER A 61 -12.75 -16.00 -26.51
CA SER A 61 -11.59 -15.56 -25.72
C SER A 61 -11.63 -14.04 -25.64
N ARG A 62 -11.17 -13.49 -24.52
CA ARG A 62 -11.06 -12.03 -24.39
C ARG A 62 -10.10 -11.48 -25.45
N ASN A 63 -8.97 -12.15 -25.64
CA ASN A 63 -7.97 -11.71 -26.62
C ASN A 63 -8.49 -11.66 -28.06
N GLY A 64 -9.35 -12.60 -28.42
CA GLY A 64 -9.74 -12.84 -29.82
C GLY A 64 -11.15 -12.50 -30.26
N ALA A 65 -12.08 -12.36 -29.31
CA ALA A 65 -13.46 -12.02 -29.64
C ALA A 65 -13.68 -10.54 -29.35
N VAL A 66 -13.77 -9.74 -30.41
CA VAL A 66 -13.77 -8.28 -30.30
C VAL A 66 -15.01 -7.67 -30.97
N ILE A 67 -15.66 -6.76 -30.25
CA ILE A 67 -16.75 -5.96 -30.80
C ILE A 67 -16.23 -4.52 -30.83
N ALA A 68 -16.20 -3.94 -32.03
CA ALA A 68 -15.52 -2.65 -32.22
C ALA A 68 -16.22 -1.76 -33.23
N ALA A 69 -16.25 -0.47 -32.93
CA ALA A 69 -16.68 0.56 -33.88
C ALA A 69 -16.02 1.88 -33.52
N ALA A 70 -15.83 2.75 -34.51
CA ALA A 70 -15.22 4.06 -34.29
C ALA A 70 -16.26 5.17 -34.37
N THR A 71 -16.56 5.78 -33.23
CA THR A 71 -17.53 6.87 -33.16
C THR A 71 -17.16 7.84 -32.05
N ALA A 72 -16.92 9.11 -32.39
CA ALA A 72 -16.74 10.15 -31.36
C ALA A 72 -18.04 10.92 -31.18
N ALA A 73 -18.15 11.62 -30.05
CA ALA A 73 -19.28 12.52 -29.80
C ALA A 73 -19.45 13.51 -30.94
N GLY A 74 -18.33 13.97 -31.49
CA GLY A 74 -18.33 14.97 -32.56
C GLY A 74 -18.46 14.41 -33.97
N THR A 75 -18.51 13.07 -34.08
CA THR A 75 -18.78 12.42 -35.37
C THR A 75 -20.19 12.82 -35.81
N LEU A 76 -20.33 13.17 -37.08
CA LEU A 76 -21.62 13.63 -37.61
C LEU A 76 -22.46 12.51 -38.19
N LYS A 77 -23.77 12.58 -37.93
CA LYS A 77 -24.75 11.67 -38.52
C LYS A 77 -25.10 12.13 -39.94
N SER A 78 -26.08 11.47 -40.55
CA SER A 78 -26.57 11.81 -41.88
C SER A 78 -27.20 13.21 -41.93
N ASP A 79 -27.96 13.56 -40.91
CA ASP A 79 -28.63 14.86 -40.82
C ASP A 79 -27.69 16.02 -40.47
N GLY A 80 -26.42 15.70 -40.25
CA GLY A 80 -25.40 16.69 -39.92
C GLY A 80 -25.28 17.01 -38.44
N SER A 81 -26.05 16.30 -37.62
CA SER A 81 -25.99 16.48 -36.17
C SER A 81 -24.95 15.53 -35.58
N LYS A 82 -24.45 15.90 -34.40
CA LYS A 82 -23.45 15.10 -33.69
C LYS A 82 -24.09 13.92 -33.01
N TRP A 83 -23.35 12.82 -32.91
CA TRP A 83 -23.79 11.65 -32.13
C TRP A 83 -23.91 11.99 -30.64
N GLY A 84 -22.98 12.80 -30.14
CA GLY A 84 -22.92 13.11 -28.72
C GLY A 84 -22.27 11.99 -27.94
N THR A 85 -22.02 12.23 -26.65
CA THR A 85 -21.28 11.27 -25.81
C THR A 85 -22.03 9.94 -25.62
N ALA A 86 -23.27 10.01 -25.11
CA ALA A 86 -24.11 8.82 -25.03
C ALA A 86 -24.21 8.12 -26.39
N GLY A 87 -24.49 8.90 -27.43
CA GLY A 87 -24.67 8.38 -28.79
C GLY A 87 -23.45 7.74 -29.44
N SER A 88 -22.27 7.98 -28.87
CA SER A 88 -21.02 7.48 -29.45
C SER A 88 -20.71 6.03 -29.09
N SER A 89 -21.48 5.47 -28.16
CA SER A 89 -21.14 4.19 -27.56
C SER A 89 -21.15 3.03 -28.55
N THR A 90 -20.13 2.17 -28.47
CA THR A 90 -20.10 0.97 -29.31
C THR A 90 -21.20 0.01 -28.86
N ILE A 91 -21.30 -0.20 -27.54
CA ILE A 91 -22.36 -1.04 -26.97
C ILE A 91 -23.12 -0.24 -25.93
N THR A 92 -24.45 -0.26 -26.05
CA THR A 92 -25.34 0.41 -25.12
C THR A 92 -26.22 -0.64 -24.44
N ILE A 93 -26.17 -0.70 -23.11
CA ILE A 93 -26.99 -1.65 -22.35
C ILE A 93 -28.18 -0.92 -21.74
N SER A 94 -29.36 -1.20 -22.28
CA SER A 94 -30.61 -0.58 -21.83
C SER A 94 -31.61 -1.65 -21.45
N ALA A 95 -31.11 -2.68 -20.77
CA ALA A 95 -31.93 -3.79 -20.30
C ALA A 95 -31.35 -4.31 -19.00
N LYS A 96 -32.12 -5.15 -18.31
CA LYS A 96 -31.71 -5.70 -17.02
C LYS A 96 -31.11 -7.08 -17.19
N ASP A 97 -30.27 -7.45 -16.23
CA ASP A 97 -29.68 -8.80 -16.15
C ASP A 97 -28.89 -9.21 -17.38
N PHE A 98 -28.16 -8.24 -17.95
CA PHE A 98 -27.24 -8.49 -19.04
C PHE A 98 -25.92 -9.00 -18.47
N SER A 99 -25.28 -9.92 -19.19
CA SER A 99 -23.89 -10.26 -18.91
C SER A 99 -23.08 -10.40 -20.19
N ALA A 100 -21.81 -10.00 -20.11
CA ALA A 100 -20.83 -10.30 -21.15
C ALA A 100 -19.63 -10.97 -20.50
N GLN A 101 -19.11 -11.99 -21.17
CA GLN A 101 -17.93 -12.72 -20.67
C GLN A 101 -16.93 -12.98 -21.79
N SER A 102 -15.65 -12.86 -21.46
CA SER A 102 -14.53 -13.27 -22.32
C SER A 102 -14.58 -12.62 -23.70
N LEU A 103 -14.66 -11.30 -23.71
CA LEU A 103 -14.65 -10.54 -24.95
C LEU A 103 -14.14 -9.13 -24.75
N THR A 104 -13.74 -8.51 -25.85
CA THR A 104 -13.25 -7.13 -25.85
C THR A 104 -14.28 -6.24 -26.55
N ILE A 105 -14.52 -5.07 -25.96
CA ILE A 105 -15.40 -4.04 -26.52
C ILE A 105 -14.55 -2.78 -26.71
N ARG A 106 -14.50 -2.28 -27.95
CA ARG A 106 -13.66 -1.13 -28.28
C ARG A 106 -14.46 0.01 -28.90
N ASN A 107 -14.07 1.24 -28.55
CA ASN A 107 -14.33 2.37 -29.45
C ASN A 107 -13.03 2.68 -30.16
N ASP A 108 -13.06 2.57 -31.49
CA ASP A 108 -11.85 2.67 -32.29
C ASP A 108 -11.57 4.09 -32.78
N PHE A 109 -12.30 5.08 -32.26
CA PHE A 109 -11.99 6.47 -32.56
C PHE A 109 -10.53 6.71 -32.26
N ASP A 110 -9.80 7.15 -33.29
CA ASP A 110 -8.37 7.33 -33.17
C ASP A 110 -8.09 8.69 -32.55
N PHE A 111 -8.25 8.78 -31.23
CA PHE A 111 -7.98 10.02 -30.52
C PHE A 111 -6.60 10.63 -30.83
N PRO A 112 -5.51 9.84 -30.72
CA PRO A 112 -4.20 10.46 -31.01
C PRO A 112 -4.06 11.01 -32.43
N ALA A 113 -4.58 10.28 -33.42
CA ALA A 113 -4.52 10.77 -34.81
C ALA A 113 -5.34 12.04 -34.97
N ASN A 114 -6.49 12.10 -34.29
CA ASN A 114 -7.32 13.29 -34.28
C ASN A 114 -6.57 14.50 -33.73
N GLN A 115 -5.91 14.32 -32.58
CA GLN A 115 -5.17 15.41 -31.94
C GLN A 115 -3.98 15.89 -32.75
N ALA A 116 -3.39 14.97 -33.53
CA ALA A 116 -2.23 15.27 -34.37
C ALA A 116 -2.60 16.08 -35.61
N LYS A 117 -3.90 16.12 -35.93
CA LYS A 117 -4.36 16.88 -37.09
C LYS A 117 -4.08 18.37 -36.89
N SER A 118 -3.85 19.07 -38.00
CA SER A 118 -3.65 20.52 -37.97
C SER A 118 -4.92 21.19 -37.47
N ASP A 119 -4.78 22.29 -36.73
CA ASP A 119 -5.92 22.98 -36.14
C ASP A 119 -6.94 23.47 -37.18
N SER A 120 -6.48 23.78 -38.38
CA SER A 120 -7.37 24.26 -39.45
C SER A 120 -8.06 23.12 -40.21
N ASP A 121 -7.70 21.88 -39.90
CA ASP A 121 -8.29 20.70 -40.54
C ASP A 121 -9.76 20.57 -40.09
N SER A 122 -10.68 20.76 -41.04
CA SER A 122 -12.12 20.72 -40.75
C SER A 122 -12.59 19.36 -40.22
N SER A 123 -11.78 18.32 -40.44
CA SER A 123 -12.08 16.96 -39.98
C SER A 123 -11.60 16.71 -38.55
N LYS A 124 -10.87 17.67 -37.97
CA LYS A 124 -10.42 17.57 -36.58
C LYS A 124 -11.58 17.80 -35.63
N ILE A 125 -11.91 16.77 -34.85
CA ILE A 125 -13.05 16.76 -33.95
C ILE A 125 -12.69 17.36 -32.58
N LYS A 126 -13.55 18.25 -32.08
CA LYS A 126 -13.37 18.86 -30.75
C LYS A 126 -14.04 18.02 -29.65
N ASP A 127 -15.20 17.44 -29.96
CA ASP A 127 -15.93 16.60 -29.02
C ASP A 127 -15.39 15.18 -29.11
N THR A 128 -14.30 14.95 -28.39
CA THR A 128 -13.46 13.76 -28.54
C THR A 128 -13.85 12.58 -27.66
N GLN A 129 -14.92 12.72 -26.88
CA GLN A 129 -15.40 11.56 -26.12
C GLN A 129 -15.82 10.46 -27.09
N ALA A 130 -15.50 9.23 -26.74
CA ALA A 130 -15.79 8.09 -27.61
C ALA A 130 -15.96 6.86 -26.74
N VAL A 131 -17.21 6.59 -26.38
CA VAL A 131 -17.57 5.56 -25.40
C VAL A 131 -17.48 4.16 -26.00
N ALA A 132 -16.87 3.23 -25.26
CA ALA A 132 -16.85 1.82 -25.64
C ALA A 132 -18.11 1.12 -25.16
N LEU A 133 -18.43 1.32 -23.87
CA LEU A 133 -19.58 0.67 -23.23
C LEU A 133 -20.35 1.68 -22.41
N TYR A 134 -21.67 1.68 -22.60
CA TYR A 134 -22.57 2.59 -21.89
C TYR A 134 -23.65 1.74 -21.25
N VAL A 135 -23.72 1.78 -19.93
CA VAL A 135 -24.81 1.16 -19.19
C VAL A 135 -25.76 2.30 -18.82
N THR A 136 -26.99 2.25 -19.32
CA THR A 136 -27.93 3.38 -19.20
C THR A 136 -28.75 3.32 -17.92
N LYS A 137 -29.63 4.30 -17.74
CA LYS A 137 -30.57 4.32 -16.60
C LYS A 137 -31.50 3.10 -16.56
N SER A 138 -31.71 2.47 -17.72
CA SER A 138 -32.56 1.28 -17.87
C SER A 138 -31.75 0.01 -17.70
N GLY A 139 -30.46 0.18 -17.46
CA GLY A 139 -29.58 -0.91 -17.12
C GLY A 139 -29.56 -1.05 -15.62
N ASP A 140 -29.80 -2.27 -15.17
CA ASP A 140 -29.53 -2.64 -13.79
C ASP A 140 -29.10 -4.10 -13.80
N ARG A 141 -28.18 -4.43 -12.91
CA ARG A 141 -27.66 -5.79 -12.77
C ARG A 141 -26.95 -6.25 -14.05
N ALA A 142 -25.98 -5.45 -14.49
CA ALA A 142 -25.14 -5.76 -15.65
C ALA A 142 -23.79 -6.29 -15.19
N TYR A 143 -23.42 -7.46 -15.70
CA TYR A 143 -22.24 -8.18 -15.21
C TYR A 143 -21.24 -8.39 -16.33
N PHE A 144 -20.00 -7.96 -16.10
CA PHE A 144 -18.94 -8.10 -17.11
C PHE A 144 -17.78 -8.84 -16.50
N LYS A 145 -17.53 -10.07 -16.97
CA LYS A 145 -16.46 -10.91 -16.44
C LYS A 145 -15.43 -11.24 -17.52
N ASP A 146 -14.16 -11.04 -17.21
CA ASP A 146 -13.07 -11.26 -18.17
C ASP A 146 -13.37 -10.48 -19.46
N VAL A 147 -13.64 -9.20 -19.29
CA VAL A 147 -13.95 -8.31 -20.41
C VAL A 147 -12.89 -7.22 -20.48
N SER A 148 -12.55 -6.83 -21.70
CA SER A 148 -11.62 -5.72 -21.93
C SER A 148 -12.37 -4.58 -22.59
N LEU A 149 -12.26 -3.38 -22.02
CA LEU A 149 -12.90 -2.18 -22.57
C LEU A 149 -11.83 -1.21 -23.04
N VAL A 150 -11.90 -0.84 -24.32
CA VAL A 150 -10.85 -0.03 -24.93
C VAL A 150 -11.35 1.32 -25.42
N GLY A 151 -10.66 2.38 -25.01
CA GLY A 151 -10.92 3.72 -25.54
C GLY A 151 -9.89 4.69 -25.04
N TYR A 152 -10.16 5.97 -25.24
CA TYR A 152 -9.33 7.04 -24.71
C TYR A 152 -10.19 7.89 -23.78
N GLN A 153 -10.87 8.89 -24.31
CA GLN A 153 -11.76 9.72 -23.50
C GLN A 153 -13.12 9.04 -23.32
N ASP A 154 -13.55 8.90 -22.06
CA ASP A 154 -14.91 8.42 -21.75
C ASP A 154 -15.16 6.94 -22.14
N THR A 155 -14.15 6.10 -21.96
CA THR A 155 -14.27 4.69 -22.35
C THR A 155 -15.52 3.98 -21.79
N LEU A 156 -15.75 4.11 -20.49
CA LEU A 156 -16.85 3.42 -19.79
C LEU A 156 -17.80 4.40 -19.13
N TYR A 157 -19.05 4.39 -19.59
CA TYR A 157 -20.10 5.28 -19.12
C TYR A 157 -21.07 4.42 -18.30
N VAL A 158 -21.02 4.53 -16.98
CA VAL A 158 -21.89 3.76 -16.11
C VAL A 158 -22.95 4.65 -15.45
N SER A 159 -24.19 4.51 -15.92
CA SER A 159 -25.32 5.28 -15.38
C SER A 159 -26.36 4.36 -14.75
N GLY A 160 -27.36 4.94 -14.09
CA GLY A 160 -28.49 4.17 -13.55
C GLY A 160 -28.17 3.25 -12.38
N GLY A 161 -28.36 1.96 -12.61
CA GLY A 161 -28.34 0.97 -11.54
C GLY A 161 -26.97 0.39 -11.23
N ARG A 162 -26.95 -0.91 -10.95
CA ARG A 162 -25.74 -1.60 -10.51
C ARG A 162 -25.07 -2.36 -11.64
N SER A 163 -23.75 -2.21 -11.72
CA SER A 163 -22.95 -2.99 -12.65
C SER A 163 -21.76 -3.57 -11.90
N PHE A 164 -21.29 -4.73 -12.36
CA PHE A 164 -20.15 -5.39 -11.72
C PHE A 164 -19.17 -5.81 -12.79
N PHE A 165 -17.90 -5.42 -12.60
CA PHE A 165 -16.82 -5.72 -13.53
C PHE A 165 -15.79 -6.54 -12.79
N SER A 166 -15.47 -7.71 -13.35
CA SER A 166 -14.63 -8.68 -12.66
C SER A 166 -13.58 -9.22 -13.62
N ASP A 167 -12.32 -9.30 -13.16
CA ASP A 167 -11.21 -9.83 -13.96
C ASP A 167 -11.13 -9.11 -15.29
N CYS A 168 -11.18 -7.78 -15.22
CA CYS A 168 -11.38 -6.97 -16.40
C CYS A 168 -10.17 -6.11 -16.73
N ARG A 169 -10.13 -5.62 -17.97
CA ARG A 169 -9.16 -4.60 -18.36
C ARG A 169 -9.95 -3.41 -18.88
N ILE A 170 -9.61 -2.21 -18.40
CA ILE A 170 -10.22 -0.98 -18.89
C ILE A 170 -9.11 0.04 -19.15
N SER A 171 -9.05 0.55 -20.37
CA SER A 171 -8.02 1.53 -20.74
C SER A 171 -8.66 2.85 -21.15
N GLY A 172 -7.90 3.92 -20.97
CA GLY A 172 -8.36 5.25 -21.37
C GLY A 172 -7.48 6.37 -20.89
N THR A 173 -7.97 7.60 -21.08
CA THR A 173 -7.23 8.80 -20.72
C THR A 173 -8.07 9.69 -19.79
N VAL A 174 -8.96 10.47 -20.38
CA VAL A 174 -9.76 11.43 -19.61
C VAL A 174 -11.11 10.84 -19.21
N ASP A 175 -11.34 10.77 -17.90
CA ASP A 175 -12.64 10.36 -17.36
C ASP A 175 -13.08 9.01 -17.91
N PHE A 176 -12.17 8.03 -17.91
CA PHE A 176 -12.45 6.79 -18.65
C PHE A 176 -13.39 5.81 -17.95
N ILE A 177 -13.71 6.08 -16.69
CA ILE A 177 -14.85 5.48 -16.02
C ILE A 177 -15.62 6.65 -15.45
N PHE A 178 -16.84 6.86 -15.93
CA PHE A 178 -17.61 8.04 -15.51
C PHE A 178 -19.10 7.76 -15.46
N GLY A 179 -19.82 8.57 -14.68
CA GLY A 179 -21.27 8.43 -14.60
C GLY A 179 -21.77 8.28 -13.17
N ASP A 180 -23.08 8.07 -13.06
CA ASP A 180 -23.79 8.14 -11.79
C ASP A 180 -24.21 6.76 -11.28
N GLY A 181 -23.81 5.71 -11.98
CA GLY A 181 -24.19 4.35 -11.61
C GLY A 181 -23.49 3.84 -10.36
N THR A 182 -23.99 2.73 -9.84
CA THR A 182 -23.28 2.00 -8.80
C THR A 182 -22.48 0.94 -9.56
N ALA A 183 -21.17 1.15 -9.64
CA ALA A 183 -20.32 0.28 -10.44
C ALA A 183 -19.18 -0.24 -9.58
N LEU A 184 -19.13 -1.56 -9.42
CA LEU A 184 -18.12 -2.23 -8.61
C LEU A 184 -17.13 -2.93 -9.53
N PHE A 185 -15.85 -2.73 -9.27
CA PHE A 185 -14.77 -3.30 -10.08
C PHE A 185 -13.90 -4.14 -9.17
N ASN A 186 -13.74 -5.41 -9.51
CA ASN A 186 -12.87 -6.30 -8.73
C ASN A 186 -11.85 -7.03 -9.58
N ASN A 187 -10.59 -6.99 -9.15
CA ASN A 187 -9.50 -7.65 -9.87
C ASN A 187 -9.39 -7.18 -11.31
N CYS A 188 -9.47 -5.86 -11.50
CA CYS A 188 -9.38 -5.25 -12.81
C CYS A 188 -8.04 -4.53 -12.99
N ASP A 189 -7.56 -4.48 -14.23
CA ASP A 189 -6.45 -3.63 -14.60
C ASP A 189 -7.00 -2.36 -15.22
N LEU A 190 -6.74 -1.23 -14.58
CA LEU A 190 -7.16 0.06 -15.08
C LEU A 190 -5.94 0.74 -15.68
N VAL A 191 -5.96 0.91 -17.01
CA VAL A 191 -4.76 1.24 -17.78
C VAL A 191 -4.80 2.69 -18.27
N SER A 192 -3.95 3.52 -17.69
CA SER A 192 -3.82 4.93 -18.07
C SER A 192 -2.93 5.05 -19.31
N ARG A 193 -3.46 5.71 -20.34
CA ARG A 193 -2.81 5.72 -21.65
C ARG A 193 -1.94 6.94 -21.91
N TYR A 194 -0.94 6.75 -22.76
CA TYR A 194 -0.02 7.80 -23.14
C TYR A 194 -0.72 8.89 -23.96
N ARG A 195 -0.42 10.14 -23.64
CA ARG A 195 -0.95 11.30 -24.36
C ARG A 195 0.17 12.04 -25.09
N ALA A 196 0.29 11.83 -26.39
CA ALA A 196 1.30 12.49 -27.20
C ALA A 196 1.05 14.00 -27.31
N ASP A 197 -0.21 14.39 -27.07
CA ASP A 197 -0.65 15.77 -27.26
C ASP A 197 -0.58 16.65 -26.01
N VAL A 198 -0.13 16.06 -24.90
CA VAL A 198 -0.06 16.77 -23.62
C VAL A 198 1.38 17.15 -23.27
N LYS A 199 1.59 18.45 -23.02
CA LYS A 199 2.91 18.99 -22.68
C LYS A 199 3.43 18.43 -21.36
N SER A 200 4.75 18.28 -21.27
CA SER A 200 5.40 17.87 -20.03
C SER A 200 4.93 18.81 -18.92
N GLY A 201 4.48 18.23 -17.81
CA GLY A 201 4.03 19.02 -16.66
C GLY A 201 2.52 19.25 -16.57
N ASN A 202 1.80 18.92 -17.64
CA ASN A 202 0.34 19.01 -17.65
C ASN A 202 -0.30 17.64 -17.42
N VAL A 203 -1.59 17.63 -17.08
CA VAL A 203 -2.29 16.39 -16.74
C VAL A 203 -2.67 15.60 -17.99
N SER A 204 -2.37 14.30 -18.00
CA SER A 204 -2.72 13.41 -19.10
C SER A 204 -4.16 12.87 -19.00
N GLY A 205 -4.65 12.66 -17.79
CA GLY A 205 -6.03 12.18 -17.64
C GLY A 205 -6.49 11.93 -16.23
N TYR A 206 -7.66 11.31 -16.12
CA TYR A 206 -8.33 11.02 -14.84
C TYR A 206 -9.01 9.68 -14.99
N LEU A 207 -8.77 8.78 -14.04
CA LEU A 207 -9.35 7.44 -14.11
C LEU A 207 -10.87 7.50 -14.03
N THR A 208 -11.38 8.33 -13.11
CA THR A 208 -12.81 8.37 -12.87
C THR A 208 -13.37 9.78 -12.88
N ALA A 209 -14.64 9.89 -13.24
CA ALA A 209 -15.38 11.14 -13.13
C ALA A 209 -16.80 10.79 -12.70
N PRO A 210 -16.97 10.50 -11.39
CA PRO A 210 -18.29 10.09 -10.89
C PRO A 210 -19.24 11.28 -10.80
N SER A 211 -20.51 11.02 -11.11
CA SER A 211 -21.58 12.02 -11.01
C SER A 211 -22.67 11.54 -10.05
N THR A 212 -22.27 10.64 -9.16
CA THR A 212 -23.17 9.98 -8.20
C THR A 212 -24.01 11.01 -7.46
N ASN A 213 -25.33 10.86 -7.49
CA ASN A 213 -26.21 11.73 -6.71
C ASN A 213 -25.87 11.61 -5.22
N ILE A 214 -25.92 12.74 -4.50
CA ILE A 214 -25.54 12.77 -3.08
C ILE A 214 -26.34 11.78 -2.22
N ASN A 215 -27.57 11.48 -2.61
CA ASN A 215 -28.45 10.57 -1.86
C ASN A 215 -28.25 9.09 -2.19
N GLN A 216 -27.42 8.82 -3.20
CA GLN A 216 -27.08 7.46 -3.60
C GLN A 216 -25.87 6.99 -2.80
N LYS A 217 -26.01 5.83 -2.16
CA LYS A 217 -25.02 5.32 -1.22
C LYS A 217 -23.67 4.99 -1.87
N TYR A 218 -23.71 4.32 -3.02
CA TYR A 218 -22.48 3.89 -3.69
C TYR A 218 -22.39 4.37 -5.13
N GLY A 219 -21.19 4.83 -5.51
CA GLY A 219 -20.90 5.23 -6.87
C GLY A 219 -19.91 4.24 -7.47
N LEU A 220 -18.70 4.72 -7.75
CA LEU A 220 -17.67 3.89 -8.35
C LEU A 220 -16.80 3.31 -7.24
N VAL A 221 -16.78 1.99 -7.15
CA VAL A 221 -16.04 1.29 -6.10
C VAL A 221 -15.06 0.33 -6.75
N ILE A 222 -13.77 0.55 -6.51
CA ILE A 222 -12.71 -0.23 -7.15
C ILE A 222 -11.96 -1.04 -6.10
N THR A 223 -12.00 -2.36 -6.23
CA THR A 223 -11.43 -3.25 -5.20
C THR A 223 -10.42 -4.24 -5.79
N ASN A 224 -9.34 -4.49 -5.04
CA ASN A 224 -8.39 -5.55 -5.39
C ASN A 224 -7.91 -5.45 -6.82
N SER A 225 -7.64 -4.23 -7.26
CA SER A 225 -7.32 -3.97 -8.65
C SER A 225 -5.91 -3.41 -8.83
N ARG A 226 -5.57 -3.08 -10.07
CA ARG A 226 -4.25 -2.58 -10.41
C ARG A 226 -4.44 -1.36 -11.30
N VAL A 227 -3.93 -0.24 -10.81
CA VAL A 227 -3.94 1.02 -11.54
C VAL A 227 -2.55 1.17 -12.17
N ILE A 228 -2.50 0.96 -13.49
CA ILE A 228 -1.22 0.81 -14.18
C ILE A 228 -1.08 1.77 -15.36
N ARG A 229 0.18 2.05 -15.72
CA ARG A 229 0.46 2.86 -16.90
C ARG A 229 0.61 1.95 -18.11
N GLU A 230 0.13 2.44 -19.24
CA GLU A 230 0.21 1.74 -20.53
C GLU A 230 1.65 1.52 -20.96
N SER A 231 2.50 2.50 -20.66
CA SER A 231 3.91 2.45 -21.05
C SER A 231 4.75 3.32 -20.14
N ASP A 232 6.07 3.13 -20.19
CA ASP A 232 7.00 3.94 -19.43
C ASP A 232 7.00 5.41 -19.84
N SER A 233 6.41 5.72 -20.99
CA SER A 233 6.31 7.10 -21.48
C SER A 233 5.20 7.89 -20.78
N VAL A 234 4.30 7.19 -20.09
CA VAL A 234 3.31 7.86 -19.25
C VAL A 234 4.04 8.44 -18.03
N PRO A 235 4.11 9.78 -17.93
CA PRO A 235 4.91 10.43 -16.90
C PRO A 235 4.45 10.18 -15.47
N ALA A 236 5.37 10.30 -14.52
CA ALA A 236 5.01 10.28 -13.12
C ALA A 236 4.09 11.47 -12.85
N LYS A 237 3.11 11.26 -11.97
CA LYS A 237 2.20 12.32 -11.51
C LYS A 237 1.45 13.02 -12.66
N SER A 238 0.97 12.20 -13.61
CA SER A 238 0.27 12.69 -14.80
C SER A 238 -1.23 12.38 -14.79
N TYR A 239 -1.64 11.49 -13.88
CA TYR A 239 -3.03 11.01 -13.82
C TYR A 239 -3.72 11.23 -12.47
N GLY A 240 -4.94 11.73 -12.52
CA GLY A 240 -5.75 11.84 -11.31
C GLY A 240 -6.57 10.58 -11.11
N LEU A 241 -6.81 10.25 -9.84
CA LEU A 241 -7.69 9.13 -9.49
C LEU A 241 -9.14 9.43 -9.84
N GLY A 242 -9.50 10.71 -9.79
CA GLY A 242 -10.87 11.13 -10.07
C GLY A 242 -11.00 12.63 -10.01
N ARG A 243 -12.02 13.14 -10.70
CA ARG A 243 -12.47 14.52 -10.57
C ARG A 243 -14.01 14.52 -10.57
N PRO A 244 -14.64 15.52 -9.93
CA PRO A 244 -16.09 15.43 -9.74
C PRO A 244 -16.90 15.92 -10.93
N TRP A 245 -17.57 15.00 -11.62
CA TRP A 245 -18.41 15.37 -12.74
C TRP A 245 -19.80 15.76 -12.29
N HIS A 246 -20.16 17.02 -12.54
CA HIS A 246 -21.50 17.52 -12.28
C HIS A 246 -22.16 17.76 -13.63
N PRO A 247 -22.89 16.76 -14.17
CA PRO A 247 -23.35 16.82 -15.55
C PRO A 247 -24.27 17.99 -15.81
N THR A 248 -24.14 18.58 -16.99
CA THR A 248 -25.13 19.55 -17.46
C THR A 248 -26.47 18.84 -17.48
N THR A 249 -27.44 19.42 -16.79
CA THR A 249 -28.73 18.79 -16.52
C THR A 249 -29.83 19.84 -16.67
N THR A 250 -30.95 19.44 -17.27
CA THR A 250 -32.10 20.34 -17.40
C THR A 250 -32.94 20.36 -16.12
N PHE A 251 -33.02 21.54 -15.52
CA PHE A 251 -33.84 21.80 -14.34
C PHE A 251 -34.95 22.76 -14.73
N SER A 252 -35.88 22.99 -13.80
CA SER A 252 -36.95 23.95 -13.99
C SER A 252 -36.43 25.38 -14.25
N ASP A 253 -35.28 25.71 -13.66
CA ASP A 253 -34.69 27.05 -13.81
C ASP A 253 -33.48 27.08 -14.76
N GLY A 254 -33.43 26.12 -15.68
CA GLY A 254 -32.43 26.15 -16.74
C GLY A 254 -31.57 24.90 -16.82
N ARG A 255 -30.61 24.94 -17.73
CA ARG A 255 -29.73 23.80 -17.97
C ARG A 255 -28.29 24.16 -17.55
N TYR A 256 -27.79 23.43 -16.55
CA TYR A 256 -26.49 23.73 -15.94
C TYR A 256 -25.96 22.54 -15.14
N ALA A 257 -24.74 22.68 -14.61
CA ALA A 257 -24.09 21.60 -13.85
C ALA A 257 -24.89 21.23 -12.60
N ASP A 258 -25.22 19.94 -12.49
CA ASP A 258 -26.07 19.44 -11.40
C ASP A 258 -25.36 19.62 -10.05
N PRO A 259 -25.91 20.48 -9.16
CA PRO A 259 -25.23 20.72 -7.88
C PRO A 259 -25.18 19.47 -6.98
N ASN A 260 -26.14 18.57 -7.15
CA ASN A 260 -26.30 17.43 -6.27
C ASN A 260 -25.60 16.15 -6.76
N ALA A 261 -24.92 16.26 -7.89
CA ALA A 261 -24.11 15.18 -8.41
C ALA A 261 -22.73 15.26 -7.75
N ILE A 262 -22.67 14.77 -6.51
CA ILE A 262 -21.45 14.83 -5.70
C ILE A 262 -20.86 13.43 -5.70
N GLY A 263 -20.01 13.19 -6.69
CA GLY A 263 -19.59 11.84 -7.05
C GLY A 263 -18.79 11.11 -6.00
N GLN A 264 -18.90 9.78 -6.03
CA GLN A 264 -18.11 8.91 -5.16
C GLN A 264 -17.19 8.02 -5.98
N THR A 265 -15.91 8.04 -5.63
CA THR A 265 -14.97 7.02 -6.09
C THR A 265 -14.20 6.54 -4.88
N VAL A 266 -14.25 5.23 -4.62
CA VAL A 266 -13.52 4.62 -3.52
C VAL A 266 -12.62 3.51 -4.05
N PHE A 267 -11.33 3.59 -3.70
CA PHE A 267 -10.35 2.56 -4.02
C PHE A 267 -10.04 1.77 -2.75
N LEU A 268 -10.16 0.45 -2.83
CA LEU A 268 -9.77 -0.42 -1.72
C LEU A 268 -8.80 -1.50 -2.16
N ASN A 269 -7.71 -1.65 -1.40
CA ASN A 269 -6.71 -2.71 -1.64
C ASN A 269 -6.24 -2.75 -3.10
N THR A 270 -5.92 -1.58 -3.64
CA THR A 270 -5.61 -1.44 -5.05
C THR A 270 -4.18 -0.91 -5.25
N SER A 271 -3.44 -1.53 -6.17
CA SER A 271 -2.09 -1.07 -6.48
C SER A 271 -2.14 0.13 -7.42
N MET A 272 -1.18 1.03 -7.26
CA MET A 272 -1.11 2.23 -8.08
C MET A 272 0.33 2.53 -8.43
N ASP A 273 0.63 2.65 -9.72
CA ASP A 273 1.94 3.11 -10.14
C ASP A 273 2.07 4.62 -9.96
N ASN A 274 3.29 5.14 -10.13
CA ASN A 274 3.57 6.53 -9.80
C ASN A 274 3.07 7.57 -10.80
N HIS A 275 2.34 7.13 -11.83
CA HIS A 275 1.65 8.09 -12.72
C HIS A 275 0.53 8.82 -11.98
N ILE A 276 0.07 8.23 -10.87
CA ILE A 276 -1.00 8.80 -10.05
C ILE A 276 -0.47 9.91 -9.14
N TYR A 277 -1.11 11.08 -9.19
CA TYR A 277 -0.76 12.20 -8.30
C TYR A 277 -1.76 12.42 -7.16
N GLY A 278 -2.96 11.85 -7.29
CA GLY A 278 -4.05 12.07 -6.33
C GLY A 278 -5.34 12.42 -7.02
N TRP A 279 -6.15 13.24 -6.35
CA TRP A 279 -7.46 13.65 -6.88
C TRP A 279 -7.38 15.02 -7.54
N ASP A 280 -8.44 15.42 -8.23
CA ASP A 280 -8.45 16.74 -8.89
C ASP A 280 -9.83 17.38 -8.89
N LYS A 281 -9.86 18.65 -9.28
CA LYS A 281 -11.10 19.41 -9.44
C LYS A 281 -11.60 19.32 -10.89
N MET A 282 -12.84 19.78 -11.09
CA MET A 282 -13.44 19.81 -12.42
C MET A 282 -14.40 20.99 -12.52
N SER A 283 -14.47 21.57 -13.71
CA SER A 283 -15.31 22.76 -13.93
C SER A 283 -16.57 22.45 -14.71
N GLY A 284 -17.60 23.26 -14.48
CA GLY A 284 -18.83 23.22 -15.24
C GLY A 284 -19.37 24.62 -15.39
N LYS A 285 -20.60 24.74 -15.88
CA LYS A 285 -21.30 26.02 -15.97
C LYS A 285 -22.45 26.04 -14.97
N ASP A 286 -22.56 27.13 -14.22
CA ASP A 286 -23.62 27.24 -13.23
C ASP A 286 -24.93 27.81 -13.83
N LYS A 287 -25.92 28.03 -12.97
CA LYS A 287 -27.25 28.45 -13.42
C LYS A 287 -27.26 29.83 -14.07
N ASN A 288 -26.17 30.57 -13.90
CA ASN A 288 -26.03 31.92 -14.45
C ASN A 288 -25.18 31.94 -15.72
N GLY A 289 -24.62 30.79 -16.04
CA GLY A 289 -23.72 30.69 -17.19
C GLY A 289 -22.25 30.92 -16.86
N ASN A 290 -21.94 31.09 -15.58
CA ASN A 290 -20.55 31.32 -15.14
C ASN A 290 -19.82 30.00 -14.90
N THR A 291 -18.50 30.04 -15.04
CA THR A 291 -17.65 28.91 -14.69
C THR A 291 -17.80 28.63 -13.20
N ILE A 292 -17.99 27.35 -12.87
CA ILE A 292 -18.02 26.92 -11.48
C ILE A 292 -17.08 25.72 -11.33
N TRP A 293 -16.28 25.74 -10.26
CA TRP A 293 -15.34 24.66 -9.97
C TRP A 293 -15.85 23.77 -8.86
N PHE A 294 -15.77 22.47 -9.09
CA PHE A 294 -16.13 21.47 -8.10
C PHE A 294 -14.85 20.80 -7.60
N ASN A 295 -14.67 20.81 -6.28
CA ASN A 295 -13.41 20.41 -5.67
C ASN A 295 -13.42 19.01 -5.09
N PRO A 296 -12.27 18.30 -5.15
CA PRO A 296 -12.22 16.93 -4.65
C PRO A 296 -12.51 16.81 -3.16
N GLU A 297 -12.15 17.83 -2.38
CA GLU A 297 -12.36 17.82 -0.93
C GLU A 297 -13.85 17.88 -0.57
N ASP A 298 -14.67 18.37 -1.51
CA ASP A 298 -16.12 18.43 -1.32
C ASP A 298 -16.82 17.20 -1.91
N SER A 299 -16.04 16.29 -2.47
CA SER A 299 -16.57 15.10 -3.14
C SER A 299 -16.26 13.85 -2.31
N ARG A 300 -16.86 12.73 -2.68
CA ARG A 300 -16.74 11.49 -1.90
C ARG A 300 -15.60 10.63 -2.46
N PHE A 301 -14.38 11.12 -2.26
CA PHE A 301 -13.17 10.52 -2.82
C PHE A 301 -12.33 9.90 -1.70
N PHE A 302 -12.21 8.57 -1.69
CA PHE A 302 -11.51 7.88 -0.61
C PHE A 302 -10.64 6.72 -1.07
N GLU A 303 -9.65 6.38 -0.26
CA GLU A 303 -8.83 5.20 -0.47
C GLU A 303 -8.76 4.36 0.80
N TYR A 304 -8.45 3.08 0.62
CA TYR A 304 -8.19 2.19 1.74
C TYR A 304 -7.08 1.24 1.33
N LYS A 305 -5.96 1.32 2.03
CA LYS A 305 -4.81 0.43 1.84
C LYS A 305 -4.34 0.32 0.39
N SER A 306 -4.24 1.47 -0.29
CA SER A 306 -3.60 1.51 -1.59
C SER A 306 -2.12 1.11 -1.40
N TYR A 307 -1.53 0.56 -2.45
CA TYR A 307 -0.09 0.24 -2.42
C TYR A 307 0.53 0.52 -3.77
N GLY A 308 1.85 0.35 -3.87
CA GLY A 308 2.58 0.75 -5.09
C GLY A 308 2.99 2.21 -5.01
N ALA A 309 3.87 2.62 -5.94
CA ALA A 309 4.50 3.94 -5.89
C ALA A 309 3.54 5.13 -5.93
N GLY A 310 2.35 4.94 -6.49
CA GLY A 310 1.34 6.01 -6.54
C GLY A 310 0.48 6.12 -5.29
N ALA A 311 0.77 5.28 -4.30
CA ALA A 311 -0.08 5.20 -3.11
C ALA A 311 0.43 6.05 -1.94
N THR A 312 0.46 7.36 -2.12
CA THR A 312 0.84 8.25 -1.02
C THR A 312 -0.37 8.59 -0.13
N VAL A 313 -0.10 8.75 1.16
CA VAL A 313 -1.12 9.13 2.14
C VAL A 313 -0.82 10.54 2.63
N SER A 314 -1.80 11.42 2.45
CA SER A 314 -1.70 12.83 2.87
C SER A 314 -3.09 13.38 3.14
N LYS A 315 -3.15 14.61 3.64
CA LYS A 315 -4.44 15.27 3.90
C LYS A 315 -5.29 15.47 2.65
N ASP A 316 -4.64 15.47 1.48
CA ASP A 316 -5.32 15.61 0.20
C ASP A 316 -5.86 14.27 -0.32
N ARG A 317 -5.51 13.19 0.37
CA ARG A 317 -5.98 11.86 0.00
C ARG A 317 -6.56 11.14 1.21
N ARG A 318 -7.85 11.36 1.42
CA ARG A 318 -8.54 10.83 2.59
C ARG A 318 -8.58 9.31 2.60
N GLN A 319 -8.46 8.75 3.80
CA GLN A 319 -8.38 7.32 4.00
C GLN A 319 -9.57 6.82 4.81
N LEU A 320 -10.08 5.66 4.43
CA LEU A 320 -11.12 4.99 5.21
C LEU A 320 -10.52 4.30 6.43
N THR A 321 -11.28 4.27 7.51
CA THR A 321 -10.96 3.41 8.66
C THR A 321 -11.32 1.97 8.30
N ASP A 322 -10.85 1.02 9.10
CA ASP A 322 -11.22 -0.39 8.92
C ASP A 322 -12.74 -0.58 8.94
N ALA A 323 -13.40 0.06 9.90
CA ALA A 323 -14.86 0.01 10.01
C ALA A 323 -15.56 0.56 8.78
N GLN A 324 -15.05 1.68 8.25
CA GLN A 324 -15.61 2.29 7.05
C GLN A 324 -15.39 1.41 5.81
N ALA A 325 -14.22 0.78 5.74
CA ALA A 325 -13.89 -0.14 4.64
C ALA A 325 -14.84 -1.33 4.55
N ALA A 326 -15.34 -1.78 5.70
CA ALA A 326 -16.28 -2.91 5.77
C ALA A 326 -17.63 -2.60 5.13
N GLU A 327 -17.87 -1.32 4.84
CA GLU A 327 -19.11 -0.90 4.19
C GLU A 327 -19.05 -1.05 2.67
N TYR A 328 -17.88 -1.43 2.16
CA TYR A 328 -17.66 -1.51 0.70
C TYR A 328 -17.41 -2.94 0.21
N THR A 329 -18.01 -3.91 0.90
CA THR A 329 -17.99 -5.30 0.45
C THR A 329 -18.93 -5.44 -0.74
N GLN A 330 -18.73 -6.49 -1.54
CA GLN A 330 -19.62 -6.77 -2.67
C GLN A 330 -21.09 -6.85 -2.23
N SER A 331 -21.33 -7.52 -1.10
CA SER A 331 -22.68 -7.67 -0.56
C SER A 331 -23.36 -6.32 -0.30
N LYS A 332 -22.62 -5.39 0.28
CA LYS A 332 -23.17 -4.07 0.62
C LYS A 332 -23.36 -3.20 -0.62
N VAL A 333 -22.37 -3.22 -1.51
CA VAL A 333 -22.39 -2.38 -2.70
C VAL A 333 -23.50 -2.81 -3.68
N LEU A 334 -23.64 -4.13 -3.86
CA LEU A 334 -24.60 -4.65 -4.86
C LEU A 334 -25.96 -5.03 -4.27
N GLY A 335 -26.07 -5.01 -2.93
CA GLY A 335 -27.33 -5.31 -2.26
C GLY A 335 -27.82 -6.72 -2.52
N ASP A 336 -29.07 -6.84 -2.93
CA ASP A 336 -29.70 -8.15 -3.12
C ASP A 336 -29.32 -8.86 -4.43
N TRP A 337 -28.40 -8.27 -5.19
CA TRP A 337 -27.99 -8.85 -6.46
C TRP A 337 -26.67 -9.60 -6.35
N THR A 338 -26.70 -10.89 -6.69
CA THR A 338 -25.50 -11.69 -6.83
C THR A 338 -25.24 -11.94 -8.31
N PRO A 339 -24.21 -11.28 -8.88
CA PRO A 339 -23.88 -11.48 -10.29
C PRO A 339 -23.57 -12.94 -10.58
N THR A 340 -24.30 -13.52 -11.54
CA THR A 340 -24.03 -14.88 -11.98
C THR A 340 -24.04 -14.98 -13.51
N LEU A 341 -23.25 -15.90 -14.03
CA LEU A 341 -23.22 -16.19 -15.45
C LEU A 341 -24.10 -17.39 -15.74
N PRO A 342 -24.65 -17.50 -16.97
CA PRO A 342 -25.49 -18.63 -17.34
C PRO A 342 -24.78 -19.97 -17.25
N ALA B 1 -5.98 -5.99 40.41
CA ALA B 1 -5.06 -5.63 41.54
C ALA B 1 -3.61 -5.54 41.06
N THR B 2 -3.05 -4.33 41.15
CA THR B 2 -1.65 -4.08 40.80
C THR B 2 -0.97 -3.23 41.86
N THR B 3 0.20 -3.69 42.32
CA THR B 3 0.98 -2.98 43.34
C THR B 3 2.45 -2.87 42.92
N TYR B 4 3.14 -1.87 43.47
CA TYR B 4 4.54 -1.65 43.16
C TYR B 4 5.46 -1.95 44.34
N ASN B 5 6.55 -2.66 44.06
CA ASN B 5 7.55 -2.98 45.07
C ASN B 5 8.47 -1.80 45.37
N ALA B 6 8.69 -0.96 44.35
CA ALA B 6 9.51 0.24 44.48
C ALA B 6 8.99 1.35 43.57
N VAL B 7 9.25 2.59 43.95
CA VAL B 7 8.88 3.75 43.14
C VAL B 7 10.08 4.66 42.94
N VAL B 8 10.30 5.10 41.70
CA VAL B 8 11.37 6.04 41.37
C VAL B 8 10.74 7.39 40.99
N SER B 9 11.28 8.47 41.54
CA SER B 9 10.81 9.82 41.21
C SER B 9 11.94 10.85 41.30
N LYS B 10 11.75 11.95 40.58
CA LYS B 10 12.69 13.07 40.61
C LYS B 10 12.49 13.95 41.83
N SER B 11 11.28 13.92 42.39
CA SER B 11 10.91 14.78 43.50
C SER B 11 11.05 14.10 44.86
N SER B 12 11.58 14.84 45.83
CA SER B 12 11.68 14.39 47.21
C SER B 12 10.34 14.57 47.93
N SER B 13 9.44 15.32 47.29
CA SER B 13 8.10 15.58 47.81
C SER B 13 7.18 14.37 47.67
N ASP B 14 7.60 13.40 46.85
CA ASP B 14 6.85 12.15 46.66
C ASP B 14 6.85 11.29 47.92
N GLY B 15 7.97 11.30 48.65
CA GLY B 15 8.09 10.61 49.93
C GLY B 15 9.07 9.46 49.93
N LYS B 16 8.55 8.24 50.02
CA LYS B 16 9.36 7.03 50.12
C LYS B 16 9.73 6.46 48.74
N THR B 17 10.46 7.27 47.97
CA THR B 17 10.84 6.92 46.60
C THR B 17 12.36 6.90 46.38
N PHE B 18 12.79 6.13 45.40
CA PHE B 18 14.20 6.06 45.00
C PHE B 18 14.52 7.20 44.04
N LYS B 19 15.75 7.69 44.11
CA LYS B 19 16.20 8.78 43.25
C LYS B 19 16.62 8.28 41.86
N THR B 20 17.20 7.08 41.83
CA THR B 20 17.65 6.48 40.57
C THR B 20 17.01 5.12 40.35
N ILE B 21 16.87 4.74 39.08
CA ILE B 21 16.31 3.45 38.69
C ILE B 21 17.22 2.30 39.13
N ALA B 22 18.54 2.50 38.97
CA ALA B 22 19.55 1.53 39.39
C ALA B 22 19.41 1.16 40.87
N ASP B 23 19.19 2.17 41.71
CA ASP B 23 19.03 1.94 43.14
C ASP B 23 17.76 1.15 43.45
N ALA B 24 16.67 1.47 42.75
CA ALA B 24 15.41 0.73 42.90
C ALA B 24 15.53 -0.73 42.48
N ILE B 25 16.22 -0.97 41.37
CA ILE B 25 16.47 -2.33 40.87
C ILE B 25 17.34 -3.13 41.85
N ALA B 26 18.44 -2.52 42.32
CA ALA B 26 19.34 -3.16 43.27
C ALA B 26 18.62 -3.55 44.56
N SER B 27 17.63 -2.75 44.93
CA SER B 27 16.87 -2.95 46.17
C SER B 27 16.07 -4.26 46.20
N ALA B 28 15.85 -4.85 45.02
CA ALA B 28 15.08 -6.10 44.91
C ALA B 28 15.77 -7.24 45.66
N PRO B 29 14.99 -8.06 46.40
CA PRO B 29 15.58 -9.22 47.04
C PRO B 29 16.12 -10.21 46.02
N ALA B 30 17.19 -10.91 46.38
CA ALA B 30 17.78 -11.92 45.51
C ALA B 30 16.75 -13.02 45.24
N GLY B 31 16.72 -13.51 44.00
CA GLY B 31 15.77 -14.54 43.62
C GLY B 31 14.98 -14.18 42.38
N SER B 32 13.79 -14.78 42.26
CA SER B 32 13.02 -14.71 41.02
C SER B 32 11.52 -14.43 41.21
N THR B 33 11.14 -14.00 42.41
CA THR B 33 9.78 -13.48 42.64
C THR B 33 9.61 -12.19 41.85
N PRO B 34 8.37 -11.89 41.37
CA PRO B 34 8.18 -10.68 40.57
C PRO B 34 8.52 -9.41 41.34
N PHE B 35 9.20 -8.48 40.68
CA PHE B 35 9.55 -7.21 41.29
C PHE B 35 9.18 -6.10 40.31
N VAL B 36 8.27 -5.21 40.75
CA VAL B 36 7.68 -4.21 39.87
C VAL B 36 8.01 -2.80 40.33
N ILE B 37 8.61 -2.03 39.42
CA ILE B 37 9.07 -0.68 39.76
C ILE B 37 8.31 0.37 38.93
N LEU B 38 7.68 1.30 39.63
CA LEU B 38 7.06 2.44 38.96
C LEU B 38 8.09 3.55 38.80
N ILE B 39 8.21 4.08 37.59
CA ILE B 39 9.13 5.18 37.31
C ILE B 39 8.34 6.42 36.92
N LYS B 40 8.31 7.41 37.82
CA LYS B 40 7.58 8.65 37.55
C LYS B 40 8.26 9.46 36.45
N ASN B 41 7.50 10.33 35.80
CA ASN B 41 8.00 11.18 34.72
C ASN B 41 9.31 11.88 35.04
N GLY B 42 10.23 11.85 34.09
CA GLY B 42 11.53 12.49 34.24
C GLY B 42 12.52 11.84 33.29
N VAL B 43 13.66 12.51 33.10
CA VAL B 43 14.75 11.96 32.30
C VAL B 43 15.82 11.44 33.24
N TYR B 44 16.01 10.12 33.20
CA TYR B 44 16.96 9.44 34.09
C TYR B 44 18.20 9.09 33.30
N ASN B 45 19.28 9.80 33.58
CA ASN B 45 20.54 9.62 32.88
C ASN B 45 21.30 8.44 33.51
N GLU B 46 20.93 7.24 33.07
CA GLU B 46 21.43 6.01 33.66
C GLU B 46 21.67 4.97 32.60
N ARG B 47 22.65 4.12 32.87
CA ARG B 47 22.89 2.91 32.08
C ARG B 47 22.65 1.72 33.00
N LEU B 48 21.88 0.76 32.52
CA LEU B 48 21.42 -0.35 33.34
C LEU B 48 21.75 -1.69 32.71
N THR B 49 22.16 -2.64 33.54
CA THR B 49 22.29 -4.04 33.12
C THR B 49 21.41 -4.86 34.04
N ILE B 50 20.42 -5.52 33.45
CA ILE B 50 19.42 -6.29 34.19
C ILE B 50 19.85 -7.76 34.27
N THR B 51 20.13 -8.23 35.49
CA THR B 51 20.57 -9.61 35.69
C THR B 51 19.59 -10.38 36.59
N ARG B 52 18.59 -9.67 37.11
CA ARG B 52 17.60 -10.32 37.95
C ARG B 52 16.38 -10.73 37.14
N ASN B 53 16.03 -12.00 37.27
CA ASN B 53 14.85 -12.55 36.61
C ASN B 53 13.56 -11.94 37.16
N ASN B 54 12.55 -11.86 36.30
CA ASN B 54 11.20 -11.47 36.71
C ASN B 54 11.14 -10.02 37.21
N LEU B 55 11.93 -9.15 36.58
CA LEU B 55 11.93 -7.72 36.90
C LEU B 55 11.07 -6.97 35.90
N HIS B 56 10.30 -5.98 36.40
CA HIS B 56 9.33 -5.28 35.58
C HIS B 56 9.32 -3.78 35.86
N LEU B 57 9.54 -3.00 34.81
CA LEU B 57 9.55 -1.55 34.90
C LEU B 57 8.29 -0.96 34.26
N LYS B 58 7.68 -0.02 34.96
CA LYS B 58 6.50 0.66 34.43
C LYS B 58 6.68 2.16 34.55
N GLY B 59 6.77 2.84 33.41
CA GLY B 59 6.89 4.30 33.42
C GLY B 59 5.53 4.95 33.56
N GLU B 60 5.53 6.17 34.10
CA GLU B 60 4.30 6.95 34.26
C GLU B 60 3.65 7.25 32.90
N SER B 61 4.48 7.50 31.90
CA SER B 61 4.02 7.73 30.53
C SER B 61 5.17 7.48 29.57
N ARG B 62 4.86 7.00 28.37
CA ARG B 62 5.89 6.82 27.34
C ARG B 62 6.56 8.14 26.96
N ASN B 63 5.75 9.19 26.84
CA ASN B 63 6.26 10.52 26.50
C ASN B 63 7.21 11.10 27.55
N GLY B 64 6.92 10.85 28.83
CA GLY B 64 7.59 11.55 29.93
C GLY B 64 8.59 10.80 30.79
N ALA B 65 8.52 9.47 30.74
CA ALA B 65 9.43 8.63 31.55
C ALA B 65 10.52 8.09 30.64
N VAL B 66 11.71 8.64 30.77
CA VAL B 66 12.81 8.41 29.84
C VAL B 66 14.07 7.91 30.57
N ILE B 67 14.65 6.84 30.03
CA ILE B 67 15.95 6.35 30.48
C ILE B 67 16.92 6.58 29.33
N ALA B 68 17.93 7.42 29.57
CA ALA B 68 18.80 7.87 28.50
C ALA B 68 20.28 7.97 28.90
N ALA B 69 21.15 7.61 27.97
CA ALA B 69 22.59 7.82 28.12
C ALA B 69 23.20 7.89 26.72
N ALA B 70 24.34 8.59 26.61
CA ALA B 70 25.02 8.76 25.34
C ALA B 70 26.31 7.95 25.32
N THR B 71 26.34 6.90 24.49
CA THR B 71 27.51 6.04 24.38
C THR B 71 27.60 5.43 22.97
N ALA B 72 28.68 5.71 22.25
CA ALA B 72 28.91 5.04 20.97
C ALA B 72 29.90 3.89 21.15
N ALA B 73 29.93 2.98 20.17
CA ALA B 73 30.90 1.88 20.18
C ALA B 73 32.33 2.42 20.24
N GLY B 74 32.56 3.56 19.59
CA GLY B 74 33.88 4.20 19.58
C GLY B 74 34.18 5.13 20.75
N THR B 75 33.21 5.28 21.67
CA THR B 75 33.44 6.05 22.88
C THR B 75 34.48 5.29 23.71
N LEU B 76 35.44 6.03 24.28
CA LEU B 76 36.52 5.40 25.01
C LEU B 76 36.25 5.30 26.51
N LYS B 77 36.64 4.17 27.10
CA LYS B 77 36.56 3.97 28.54
C LYS B 77 37.77 4.63 29.22
N SER B 78 37.90 4.39 30.52
CA SER B 78 39.03 4.91 31.31
C SER B 78 40.37 4.34 30.86
N ASP B 79 40.39 3.05 30.54
CA ASP B 79 41.62 2.37 30.11
C ASP B 79 42.01 2.70 28.67
N GLY B 80 41.19 3.50 27.99
CA GLY B 80 41.46 3.91 26.61
C GLY B 80 40.90 2.96 25.56
N SER B 81 40.21 1.91 26.02
CA SER B 81 39.60 0.95 25.11
C SER B 81 38.18 1.38 24.75
N LYS B 82 37.70 0.92 23.60
CA LYS B 82 36.36 1.25 23.11
C LYS B 82 35.31 0.44 23.86
N TRP B 83 34.13 1.03 24.05
CA TRP B 83 32.99 0.31 24.59
C TRP B 83 32.56 -0.84 23.69
N GLY B 84 32.59 -0.61 22.38
CA GLY B 84 32.11 -1.58 21.42
C GLY B 84 30.60 -1.52 21.27
N THR B 85 30.05 -2.25 20.31
CA THR B 85 28.62 -2.17 20.01
C THR B 85 27.77 -2.68 21.17
N ALA B 86 28.00 -3.92 21.60
CA ALA B 86 27.29 -4.47 22.76
C ALA B 86 27.45 -3.54 23.97
N GLY B 87 28.69 -3.11 24.19
CA GLY B 87 29.04 -2.28 25.33
C GLY B 87 28.44 -0.87 25.35
N SER B 88 27.95 -0.42 24.20
CA SER B 88 27.39 0.93 24.07
C SER B 88 25.96 1.06 24.58
N SER B 89 25.33 -0.07 24.91
CA SER B 89 23.89 -0.09 25.19
C SER B 89 23.49 0.71 26.42
N THR B 90 22.42 1.50 26.30
CA THR B 90 21.86 2.19 27.46
C THR B 90 21.28 1.17 28.44
N ILE B 91 20.47 0.25 27.93
CA ILE B 91 19.92 -0.82 28.76
C ILE B 91 20.29 -2.18 28.17
N THR B 92 20.82 -3.04 29.03
CA THR B 92 21.18 -4.41 28.65
C THR B 92 20.33 -5.38 29.44
N ILE B 93 19.57 -6.24 28.75
CA ILE B 93 18.74 -7.25 29.41
C ILE B 93 19.44 -8.61 29.36
N SER B 94 19.90 -9.07 30.53
CA SER B 94 20.61 -10.34 30.64
C SER B 94 19.92 -11.19 31.71
N ALA B 95 18.60 -11.17 31.67
CA ALA B 95 17.78 -11.95 32.59
C ALA B 95 16.49 -12.34 31.89
N LYS B 96 15.78 -13.29 32.47
CA LYS B 96 14.55 -13.80 31.88
C LYS B 96 13.33 -13.07 32.46
N ASP B 97 12.24 -13.09 31.68
CA ASP B 97 10.94 -12.57 32.11
C ASP B 97 10.96 -11.11 32.53
N PHE B 98 11.75 -10.33 31.81
CA PHE B 98 11.75 -8.88 31.97
C PHE B 98 10.58 -8.27 31.22
N SER B 99 9.99 -7.22 31.79
CA SER B 99 9.09 -6.36 31.01
C SER B 99 9.34 -4.89 31.29
N ALA B 100 9.14 -4.08 30.25
CA ALA B 100 9.09 -2.63 30.40
C ALA B 100 7.80 -2.13 29.75
N GLN B 101 7.14 -1.19 30.40
CA GLN B 101 5.90 -0.61 29.89
C GLN B 101 5.89 0.91 30.03
N SER B 102 5.34 1.58 29.02
CA SER B 102 5.07 3.02 29.06
C SER B 102 6.30 3.87 29.45
N LEU B 103 7.38 3.68 28.71
CA LEU B 103 8.61 4.43 28.93
C LEU B 103 9.44 4.49 27.65
N THR B 104 10.39 5.41 27.64
CA THR B 104 11.31 5.58 26.52
C THR B 104 12.73 5.20 26.94
N ILE B 105 13.44 4.49 26.06
CA ILE B 105 14.85 4.17 26.26
C ILE B 105 15.63 4.77 25.09
N ARG B 106 16.60 5.62 25.40
CA ARG B 106 17.37 6.33 24.37
C ARG B 106 18.86 6.06 24.47
N ASN B 107 19.52 5.97 23.32
CA ASN B 107 20.95 6.28 23.28
C ASN B 107 21.07 7.68 22.69
N ASP B 108 21.64 8.58 23.48
CA ASP B 108 21.71 10.00 23.11
C ASP B 108 22.97 10.38 22.35
N PHE B 109 23.75 9.39 21.91
CA PHE B 109 24.89 9.68 21.05
C PHE B 109 24.41 10.51 19.86
N ASP B 110 25.00 11.70 19.73
CA ASP B 110 24.58 12.63 18.70
C ASP B 110 25.22 12.29 17.37
N PHE B 111 24.68 11.27 16.70
CA PHE B 111 25.22 10.82 15.42
C PHE B 111 25.36 11.98 14.41
N PRO B 112 24.29 12.78 14.18
CA PRO B 112 24.44 13.85 13.20
C PRO B 112 25.53 14.87 13.54
N ALA B 113 25.66 15.25 14.81
CA ALA B 113 26.71 16.19 15.22
C ALA B 113 28.08 15.57 15.00
N ASN B 114 28.20 14.27 15.30
CA ASN B 114 29.43 13.52 15.03
C ASN B 114 29.84 13.56 13.55
N GLN B 115 28.88 13.31 12.67
CA GLN B 115 29.14 13.25 11.23
C GLN B 115 29.50 14.62 10.67
N ALA B 116 28.95 15.66 11.30
CA ALA B 116 29.19 17.04 10.88
C ALA B 116 30.58 17.54 11.26
N LYS B 117 31.27 16.81 12.13
CA LYS B 117 32.62 17.17 12.56
C LYS B 117 33.56 17.07 11.38
N SER B 118 34.59 17.93 11.38
CA SER B 118 35.63 17.88 10.37
C SER B 118 36.39 16.57 10.48
N ASP B 119 36.81 16.02 9.34
CA ASP B 119 37.50 14.73 9.29
C ASP B 119 38.77 14.67 10.13
N SER B 120 39.44 15.81 10.30
CA SER B 120 40.67 15.85 11.08
C SER B 120 40.43 15.98 12.60
N ASP B 121 39.17 16.20 12.98
CA ASP B 121 38.77 16.30 14.38
C ASP B 121 38.97 14.96 15.08
N SER B 122 39.92 14.93 16.03
CA SER B 122 40.26 13.68 16.73
C SER B 122 39.09 13.13 17.56
N SER B 123 38.09 13.97 17.84
CA SER B 123 36.92 13.56 18.60
C SER B 123 35.81 12.97 17.72
N LYS B 124 36.01 13.01 16.40
CA LYS B 124 35.07 12.40 15.46
C LYS B 124 35.19 10.87 15.51
N ILE B 125 34.10 10.22 15.92
CA ILE B 125 34.05 8.77 16.12
C ILE B 125 33.73 8.03 14.82
N LYS B 126 34.48 6.97 14.53
CA LYS B 126 34.22 6.14 13.35
C LYS B 126 33.25 5.00 13.64
N ASP B 127 33.38 4.41 14.84
CA ASP B 127 32.49 3.34 15.28
C ASP B 127 31.24 3.96 15.89
N THR B 128 30.29 4.28 15.01
CA THR B 128 29.13 5.11 15.34
C THR B 128 27.90 4.33 15.82
N GLN B 129 28.03 3.01 15.96
CA GLN B 129 26.91 2.27 16.54
C GLN B 129 26.68 2.74 17.97
N ALA B 130 25.42 2.88 18.35
CA ALA B 130 25.07 3.37 19.68
C ALA B 130 23.72 2.78 20.07
N VAL B 131 23.78 1.67 20.77
CA VAL B 131 22.60 0.85 21.08
C VAL B 131 21.76 1.45 22.21
N ALA B 132 20.44 1.51 22.00
CA ALA B 132 19.53 1.93 23.07
C ALA B 132 19.21 0.75 23.97
N LEU B 133 18.80 -0.36 23.36
CA LEU B 133 18.38 -1.54 24.08
C LEU B 133 19.06 -2.78 23.50
N TYR B 134 19.64 -3.58 24.38
CA TYR B 134 20.29 -4.83 24.00
C TYR B 134 19.68 -5.97 24.80
N VAL B 135 19.04 -6.91 24.10
CA VAL B 135 18.57 -8.13 24.74
C VAL B 135 19.59 -9.20 24.42
N THR B 136 20.26 -9.73 25.45
CA THR B 136 21.41 -10.62 25.25
C THR B 136 21.00 -12.08 25.12
N LYS B 137 21.99 -12.96 24.94
CA LYS B 137 21.76 -14.41 24.87
C LYS B 137 21.14 -14.97 26.15
N SER B 138 21.32 -14.25 27.26
CA SER B 138 20.77 -14.62 28.56
C SER B 138 19.39 -14.02 28.79
N GLY B 139 18.93 -13.26 27.79
CA GLY B 139 17.59 -12.75 27.77
C GLY B 139 16.72 -13.74 27.02
N ASP B 140 15.62 -14.09 27.68
CA ASP B 140 14.54 -14.79 27.02
C ASP B 140 13.26 -14.31 27.64
N ARG B 141 12.22 -14.23 26.83
CA ARG B 141 10.90 -13.78 27.29
C ARG B 141 10.93 -12.34 27.82
N ALA B 142 11.43 -11.43 26.97
CA ALA B 142 11.48 -10.00 27.30
C ALA B 142 10.35 -9.28 26.58
N TYR B 143 9.53 -8.55 27.33
CA TYR B 143 8.30 -7.95 26.81
C TYR B 143 8.33 -6.43 26.93
N PHE B 144 8.11 -5.73 25.82
CA PHE B 144 8.12 -4.28 25.79
C PHE B 144 6.81 -3.76 25.23
N LYS B 145 6.01 -3.12 26.08
CA LYS B 145 4.68 -2.64 25.68
C LYS B 145 4.59 -1.14 25.84
N ASP B 146 4.16 -0.46 24.78
CA ASP B 146 4.07 1.01 24.79
C ASP B 146 5.43 1.61 25.18
N VAL B 147 6.47 1.15 24.50
CA VAL B 147 7.83 1.56 24.76
C VAL B 147 8.36 2.24 23.50
N SER B 148 9.15 3.28 23.70
CA SER B 148 9.83 3.97 22.61
C SER B 148 11.33 3.72 22.72
N LEU B 149 11.96 3.34 21.61
CA LEU B 149 13.40 3.11 21.56
C LEU B 149 14.01 4.10 20.58
N VAL B 150 14.96 4.89 21.06
CA VAL B 150 15.54 5.97 20.27
C VAL B 150 17.04 5.79 20.01
N GLY B 151 17.41 5.92 18.75
CA GLY B 151 18.82 5.94 18.37
C GLY B 151 18.97 6.27 16.90
N TYR B 152 20.18 6.07 16.40
CA TYR B 152 20.46 6.20 14.96
C TYR B 152 20.96 4.85 14.45
N GLN B 153 22.27 4.64 14.52
CA GLN B 153 22.82 3.35 14.11
C GLN B 153 22.67 2.31 15.23
N ASP B 154 22.09 1.15 14.91
CA ASP B 154 22.03 0.01 15.84
C ASP B 154 21.17 0.24 17.09
N THR B 155 20.04 0.91 16.92
CA THR B 155 19.16 1.24 18.06
C THR B 155 18.80 0.03 18.93
N LEU B 156 18.34 -1.03 18.28
CA LEU B 156 17.84 -2.21 18.99
C LEU B 156 18.62 -3.46 18.59
N TYR B 157 19.28 -4.05 19.59
CA TYR B 157 20.11 -5.23 19.42
C TYR B 157 19.37 -6.38 20.09
N VAL B 158 18.80 -7.27 19.28
CA VAL B 158 18.05 -8.41 19.80
C VAL B 158 18.81 -9.72 19.53
N SER B 159 19.33 -10.32 20.61
CA SER B 159 20.08 -11.57 20.50
C SER B 159 19.42 -12.65 21.35
N GLY B 160 19.87 -13.89 21.19
CA GLY B 160 19.42 -14.99 22.03
C GLY B 160 17.99 -15.44 21.82
N GLY B 161 17.17 -15.27 22.85
CA GLY B 161 15.83 -15.86 22.90
C GLY B 161 14.74 -15.02 22.28
N ARG B 162 13.57 -15.06 22.92
CA ARG B 162 12.38 -14.41 22.39
C ARG B 162 12.11 -13.08 23.05
N SER B 163 11.77 -12.08 22.23
CA SER B 163 11.35 -10.78 22.72
C SER B 163 10.09 -10.37 21.97
N PHE B 164 9.25 -9.58 22.62
CA PHE B 164 7.99 -9.13 22.02
C PHE B 164 7.85 -7.65 22.27
N PHE B 165 7.61 -6.91 21.19
CA PHE B 165 7.45 -5.46 21.22
C PHE B 165 6.07 -5.13 20.71
N SER B 166 5.30 -4.41 21.52
CA SER B 166 3.89 -4.15 21.25
C SER B 166 3.56 -2.68 21.46
N ASP B 167 2.82 -2.09 20.52
CA ASP B 167 2.41 -0.67 20.61
C ASP B 167 3.62 0.24 20.82
N CYS B 168 4.66 -0.03 20.03
CA CYS B 168 5.97 0.54 20.26
C CYS B 168 6.37 1.56 19.20
N ARG B 169 7.37 2.37 19.53
CA ARG B 169 8.03 3.24 18.56
C ARG B 169 9.51 2.89 18.58
N ILE B 170 10.09 2.70 17.40
CA ILE B 170 11.53 2.45 17.29
C ILE B 170 12.06 3.32 16.16
N SER B 171 13.08 4.12 16.47
CA SER B 171 13.66 5.02 15.45
C SER B 171 15.14 4.72 15.22
N GLY B 172 15.61 5.03 14.02
CA GLY B 172 17.01 4.84 13.71
C GLY B 172 17.33 5.02 12.24
N THR B 173 18.56 4.66 11.89
CA THR B 173 19.07 4.82 10.53
C THR B 173 19.58 3.48 10.00
N VAL B 174 20.82 3.15 10.35
CA VAL B 174 21.47 1.95 9.82
C VAL B 174 21.29 0.78 10.76
N ASP B 175 20.67 -0.30 10.25
CA ASP B 175 20.53 -1.56 10.98
C ASP B 175 19.89 -1.36 12.35
N PHE B 176 18.80 -0.60 12.41
CA PHE B 176 18.31 -0.17 13.73
C PHE B 176 17.52 -1.22 14.52
N ILE B 177 17.20 -2.32 13.87
CA ILE B 177 16.81 -3.56 14.56
C ILE B 177 17.75 -4.63 14.00
N PHE B 178 18.61 -5.19 14.84
CA PHE B 178 19.58 -6.16 14.33
C PHE B 178 19.86 -7.27 15.35
N GLY B 179 20.37 -8.39 14.87
CA GLY B 179 20.73 -9.49 15.76
C GLY B 179 20.06 -10.80 15.41
N ASP B 180 20.29 -11.79 16.27
CA ASP B 180 19.96 -13.18 15.96
C ASP B 180 18.80 -13.69 16.78
N GLY B 181 18.17 -12.81 17.57
CA GLY B 181 17.05 -13.21 18.42
C GLY B 181 15.77 -13.48 17.64
N THR B 182 14.82 -14.10 18.33
CA THR B 182 13.45 -14.19 17.83
C THR B 182 12.74 -12.97 18.39
N ALA B 183 12.44 -12.00 17.54
CA ALA B 183 11.85 -10.75 18.00
C ALA B 183 10.61 -10.47 17.18
N LEU B 184 9.47 -10.40 17.87
CA LEU B 184 8.19 -10.12 17.24
C LEU B 184 7.75 -8.69 17.58
N PHE B 185 7.30 -7.98 16.55
CA PHE B 185 6.89 -6.58 16.70
C PHE B 185 5.48 -6.45 16.20
N ASN B 186 4.57 -6.01 17.08
CA ASN B 186 3.18 -5.82 16.68
C ASN B 186 2.67 -4.42 16.97
N ASN B 187 2.01 -3.82 15.98
CA ASN B 187 1.46 -2.48 16.11
C ASN B 187 2.50 -1.44 16.52
N CYS B 188 3.66 -1.51 15.86
CA CYS B 188 4.76 -0.61 16.14
C CYS B 188 4.96 0.40 15.01
N ASP B 189 5.47 1.58 15.37
CA ASP B 189 5.92 2.55 14.39
C ASP B 189 7.44 2.43 14.28
N LEU B 190 7.91 2.05 13.09
CA LEU B 190 9.33 1.95 12.82
C LEU B 190 9.74 3.17 12.01
N VAL B 191 10.53 4.04 12.64
CA VAL B 191 10.75 5.40 12.14
C VAL B 191 12.14 5.55 11.54
N SER B 192 12.20 5.70 10.23
CA SER B 192 13.46 5.92 9.50
C SER B 192 13.86 7.38 9.57
N ARG B 193 15.07 7.63 10.05
CA ARG B 193 15.50 8.99 10.35
C ARG B 193 16.27 9.68 9.22
N TYR B 194 16.18 11.00 9.18
CA TYR B 194 16.87 11.82 8.18
C TYR B 194 18.39 11.77 8.38
N ARG B 195 19.12 11.60 7.28
CA ARG B 195 20.59 11.62 7.27
C ARG B 195 21.11 12.84 6.54
N ALA B 196 21.55 13.84 7.30
CA ALA B 196 22.14 15.05 6.71
C ALA B 196 23.46 14.77 5.99
N ASP B 197 24.09 13.65 6.34
CA ASP B 197 25.44 13.33 5.86
C ASP B 197 25.47 12.42 4.63
N VAL B 198 24.30 12.05 4.13
CA VAL B 198 24.18 11.15 2.98
C VAL B 198 23.80 11.93 1.72
N LYS B 199 24.61 11.76 0.68
CA LYS B 199 24.39 12.43 -0.61
C LYS B 199 23.10 11.96 -1.28
N SER B 200 22.48 12.86 -2.03
CA SER B 200 21.30 12.52 -2.82
C SER B 200 21.64 11.32 -3.71
N GLY B 201 20.79 10.30 -3.65
CA GLY B 201 20.98 9.10 -4.47
C GLY B 201 21.65 7.93 -3.76
N ASN B 202 22.20 8.18 -2.58
CA ASN B 202 22.81 7.12 -1.77
C ASN B 202 21.83 6.66 -0.67
N VAL B 203 22.13 5.51 -0.07
CA VAL B 203 21.25 4.90 0.92
C VAL B 203 21.41 5.55 2.30
N SER B 204 20.27 5.90 2.92
CA SER B 204 20.27 6.49 4.25
C SER B 204 20.31 5.44 5.38
N GLY B 205 19.72 4.27 5.16
CA GLY B 205 19.74 3.24 6.19
C GLY B 205 18.99 1.98 5.85
N TYR B 206 18.86 1.11 6.85
CA TYR B 206 18.22 -0.20 6.71
C TYR B 206 17.50 -0.46 8.01
N LEU B 207 16.22 -0.83 7.92
CA LEU B 207 15.42 -1.07 9.11
C LEU B 207 15.97 -2.24 9.93
N THR B 208 16.32 -3.31 9.24
CA THR B 208 16.75 -4.53 9.92
C THR B 208 18.08 -5.07 9.40
N ALA B 209 18.81 -5.75 10.28
CA ALA B 209 19.99 -6.50 9.88
C ALA B 209 20.02 -7.80 10.70
N PRO B 210 19.18 -8.78 10.30
CA PRO B 210 19.07 -10.02 11.06
C PRO B 210 20.31 -10.90 10.86
N SER B 211 20.72 -11.58 11.92
CA SER B 211 21.84 -12.53 11.89
C SER B 211 21.37 -13.92 12.30
N THR B 212 20.06 -14.15 12.16
CA THR B 212 19.39 -15.37 12.58
C THR B 212 20.11 -16.60 12.05
N ASN B 213 20.50 -17.52 12.95
CA ASN B 213 21.09 -18.79 12.51
C ASN B 213 20.11 -19.53 11.59
N ILE B 214 20.64 -20.16 10.55
CA ILE B 214 19.82 -20.88 9.56
C ILE B 214 18.88 -21.93 10.16
N ASN B 215 19.30 -22.55 11.27
CA ASN B 215 18.51 -23.58 11.95
C ASN B 215 17.44 -23.05 12.91
N GLN B 216 17.47 -21.73 13.14
CA GLN B 216 16.48 -21.08 13.98
C GLN B 216 15.26 -20.70 13.13
N LYS B 217 14.09 -21.10 13.59
CA LYS B 217 12.86 -20.96 12.80
C LYS B 217 12.45 -19.51 12.55
N TYR B 218 12.52 -18.68 13.59
CA TYR B 218 12.08 -17.29 13.49
C TYR B 218 13.15 -16.30 13.90
N GLY B 219 13.27 -15.23 13.11
CA GLY B 219 14.16 -14.12 13.42
C GLY B 219 13.33 -12.90 13.77
N LEU B 220 13.42 -11.88 12.90
CA LEU B 220 12.70 -10.63 13.13
C LEU B 220 11.37 -10.69 12.38
N VAL B 221 10.28 -10.61 13.13
CA VAL B 221 8.94 -10.71 12.54
C VAL B 221 8.15 -9.46 12.90
N ILE B 222 7.75 -8.70 11.89
CA ILE B 222 7.08 -7.41 12.08
C ILE B 222 5.65 -7.52 11.57
N THR B 223 4.67 -7.32 12.46
CA THR B 223 3.26 -7.50 12.11
C THR B 223 2.41 -6.28 12.42
N ASN B 224 1.44 -5.99 11.54
CA ASN B 224 0.44 -4.95 11.80
C ASN B 224 1.07 -3.62 12.21
N SER B 225 2.16 -3.26 11.54
CA SER B 225 2.95 -2.10 11.96
C SER B 225 2.97 -1.03 10.88
N ARG B 226 3.71 0.04 11.15
CA ARG B 226 3.84 1.17 10.24
C ARG B 226 5.31 1.51 10.08
N VAL B 227 5.77 1.44 8.83
CA VAL B 227 7.13 1.79 8.45
C VAL B 227 7.09 3.20 7.89
N ILE B 228 7.58 4.16 8.68
CA ILE B 228 7.36 5.57 8.38
C ILE B 228 8.65 6.38 8.34
N ARG B 229 8.59 7.50 7.63
CA ARG B 229 9.71 8.45 7.61
C ARG B 229 9.55 9.46 8.74
N GLU B 230 10.69 9.83 9.32
CA GLU B 230 10.74 10.81 10.39
C GLU B 230 10.26 12.18 9.93
N SER B 231 10.56 12.51 8.67
CA SER B 231 10.22 13.81 8.08
C SER B 231 10.16 13.71 6.56
N ASP B 232 9.55 14.71 5.93
CA ASP B 232 9.48 14.80 4.47
C ASP B 232 10.84 14.94 3.79
N SER B 233 11.87 15.28 4.57
CA SER B 233 13.23 15.38 4.06
C SER B 233 13.89 14.01 3.85
N VAL B 234 13.32 12.97 4.44
CA VAL B 234 13.76 11.60 4.16
C VAL B 234 13.34 11.25 2.73
N PRO B 235 14.32 11.08 1.82
CA PRO B 235 14.04 10.89 0.39
C PRO B 235 13.30 9.61 0.08
N ALA B 236 12.56 9.61 -1.03
CA ALA B 236 11.98 8.38 -1.55
C ALA B 236 13.12 7.42 -1.88
N LYS B 237 12.87 6.12 -1.68
CA LYS B 237 13.83 5.05 -2.03
C LYS B 237 15.21 5.24 -1.38
N SER B 238 15.20 5.60 -0.10
CA SER B 238 16.42 5.85 0.67
C SER B 238 16.71 4.78 1.74
N TYR B 239 15.72 3.92 1.99
CA TYR B 239 15.83 2.93 3.08
C TYR B 239 15.57 1.51 2.63
N GLY B 240 16.43 0.60 3.06
CA GLY B 240 16.20 -0.83 2.84
C GLY B 240 15.37 -1.44 3.96
N LEU B 241 14.55 -2.44 3.64
CA LEU B 241 13.81 -3.18 4.65
C LEU B 241 14.75 -4.01 5.51
N GLY B 242 15.85 -4.45 4.91
CA GLY B 242 16.80 -5.31 5.60
C GLY B 242 18.01 -5.62 4.75
N ARG B 243 19.12 -5.93 5.41
CA ARG B 243 20.30 -6.49 4.77
C ARG B 243 20.86 -7.61 5.66
N PRO B 244 21.55 -8.60 5.06
CA PRO B 244 21.91 -9.78 5.86
C PRO B 244 23.17 -9.62 6.69
N TRP B 245 23.02 -9.54 8.01
CA TRP B 245 24.18 -9.42 8.89
C TRP B 245 24.76 -10.79 9.22
N HIS B 246 26.00 -11.00 8.79
CA HIS B 246 26.75 -12.20 9.15
C HIS B 246 27.87 -11.78 10.10
N PRO B 247 27.61 -11.85 11.43
CA PRO B 247 28.54 -11.28 12.41
C PRO B 247 29.91 -11.90 12.37
N THR B 248 30.93 -11.07 12.55
CA THR B 248 32.29 -11.57 12.79
C THR B 248 32.24 -12.48 14.01
N THR B 249 32.71 -13.70 13.84
CA THR B 249 32.54 -14.75 14.84
C THR B 249 33.81 -15.58 14.90
N THR B 250 34.20 -15.96 16.12
CA THR B 250 35.38 -16.80 16.32
C THR B 250 35.04 -18.28 16.08
N PHE B 251 35.73 -18.86 15.10
CA PHE B 251 35.62 -20.28 14.79
C PHE B 251 36.98 -20.96 14.98
N SER B 252 36.99 -22.27 14.88
CA SER B 252 38.23 -23.03 15.05
C SER B 252 39.26 -22.67 13.97
N ASP B 253 38.78 -22.22 12.81
CA ASP B 253 39.68 -21.82 11.73
C ASP B 253 39.81 -20.31 11.52
N GLY B 254 39.51 -19.54 12.56
CA GLY B 254 39.72 -18.08 12.53
C GLY B 254 38.47 -17.30 12.84
N ARG B 255 38.60 -15.98 12.79
CA ARG B 255 37.52 -15.05 13.13
C ARG B 255 37.06 -14.32 11.87
N TYR B 256 35.80 -14.54 11.48
CA TYR B 256 35.27 -14.03 10.22
C TYR B 256 33.74 -14.05 10.20
N ALA B 257 33.15 -13.51 9.13
CA ALA B 257 31.69 -13.44 9.00
C ALA B 257 31.04 -14.83 9.02
N ASP B 258 30.12 -15.02 9.96
CA ASP B 258 29.47 -16.33 10.17
C ASP B 258 28.67 -16.76 8.93
N PRO B 259 29.09 -17.85 8.25
CA PRO B 259 28.38 -18.26 7.03
C PRO B 259 26.94 -18.70 7.26
N ASN B 260 26.65 -19.18 8.47
CA ASN B 260 25.35 -19.76 8.80
C ASN B 260 24.36 -18.79 9.43
N ALA B 261 24.78 -17.54 9.57
CA ALA B 261 23.90 -16.47 10.05
C ALA B 261 23.14 -15.93 8.84
N ILE B 262 22.12 -16.68 8.43
CA ILE B 262 21.32 -16.35 7.27
C ILE B 262 20.00 -15.77 7.78
N GLY B 263 20.01 -14.44 7.93
CA GLY B 263 18.97 -13.75 8.69
C GLY B 263 17.58 -13.82 8.13
N GLN B 264 16.59 -13.73 9.02
CA GLN B 264 15.18 -13.68 8.63
C GLN B 264 14.58 -12.35 9.06
N THR B 265 13.95 -11.66 8.11
CA THR B 265 13.06 -10.54 8.42
C THR B 265 11.79 -10.77 7.61
N VAL B 266 10.66 -10.82 8.31
CA VAL B 266 9.35 -11.00 7.64
C VAL B 266 8.42 -9.88 8.07
N PHE B 267 7.85 -9.19 7.08
CA PHE B 267 6.84 -8.16 7.32
C PHE B 267 5.47 -8.70 6.94
N LEU B 268 4.51 -8.60 7.85
CA LEU B 268 3.12 -8.99 7.56
C LEU B 268 2.16 -7.85 7.88
N ASN B 269 1.25 -7.59 6.93
CA ASN B 269 0.20 -6.57 7.10
C ASN B 269 0.73 -5.23 7.63
N THR B 270 1.83 -4.76 7.03
CA THR B 270 2.53 -3.58 7.50
C THR B 270 2.53 -2.48 6.44
N SER B 271 2.21 -1.25 6.86
CA SER B 271 2.27 -0.10 5.95
C SER B 271 3.70 0.38 5.76
N MET B 272 4.00 0.84 4.55
CA MET B 272 5.34 1.31 4.22
C MET B 272 5.25 2.56 3.36
N ASP B 273 5.87 3.65 3.81
CA ASP B 273 5.97 4.85 2.97
C ASP B 273 7.03 4.68 1.88
N ASN B 274 7.07 5.61 0.93
CA ASN B 274 7.93 5.44 -0.25
C ASN B 274 9.43 5.67 -0.02
N HIS B 275 9.84 5.88 1.22
CA HIS B 275 11.28 5.89 1.53
C HIS B 275 11.89 4.50 1.37
N ILE B 276 11.04 3.48 1.41
CA ILE B 276 11.47 2.08 1.24
C ILE B 276 11.70 1.75 -0.23
N TYR B 277 12.87 1.19 -0.56
CA TYR B 277 13.17 0.72 -1.93
C TYR B 277 13.14 -0.80 -2.09
N GLY B 278 13.16 -1.54 -0.98
CA GLY B 278 13.23 -3.00 -1.00
C GLY B 278 14.33 -3.51 -0.09
N TRP B 279 14.90 -4.65 -0.43
CA TRP B 279 15.95 -5.29 0.37
C TRP B 279 17.33 -4.91 -0.16
N ASP B 280 18.38 -5.26 0.58
CA ASP B 280 19.74 -4.95 0.13
C ASP B 280 20.75 -6.03 0.56
N LYS B 281 21.95 -5.93 0.01
CA LYS B 281 23.07 -6.80 0.36
C LYS B 281 23.90 -6.18 1.48
N MET B 282 24.82 -6.96 2.03
CA MET B 282 25.73 -6.48 3.07
C MET B 282 27.04 -7.24 2.96
N SER B 283 28.13 -6.55 3.25
CA SER B 283 29.47 -7.14 3.14
C SER B 283 30.09 -7.47 4.50
N GLY B 284 30.98 -8.46 4.47
CA GLY B 284 31.79 -8.81 5.63
C GLY B 284 33.13 -9.30 5.16
N LYS B 285 33.91 -9.86 6.07
CA LYS B 285 35.21 -10.44 5.75
C LYS B 285 35.12 -11.96 5.90
N ASP B 286 35.62 -12.67 4.89
CA ASP B 286 35.59 -14.13 4.92
C ASP B 286 36.80 -14.74 5.63
N LYS B 287 36.88 -16.07 5.62
CA LYS B 287 37.93 -16.78 6.36
C LYS B 287 39.34 -16.56 5.82
N ASN B 288 39.42 -15.94 4.65
CA ASN B 288 40.71 -15.61 4.03
C ASN B 288 41.07 -14.12 4.18
N GLY B 289 40.15 -13.35 4.77
CA GLY B 289 40.35 -11.92 4.91
C GLY B 289 39.86 -11.10 3.74
N ASN B 290 39.21 -11.76 2.78
CA ASN B 290 38.65 -11.06 1.62
C ASN B 290 37.25 -10.54 1.88
N THR B 291 36.89 -9.48 1.17
CA THR B 291 35.51 -8.98 1.16
C THR B 291 34.60 -10.06 0.61
N ILE B 292 33.49 -10.28 1.32
CA ILE B 292 32.45 -11.21 0.89
C ILE B 292 31.11 -10.50 0.99
N TRP B 293 30.29 -10.65 -0.05
CA TRP B 293 28.96 -10.06 -0.08
C TRP B 293 27.88 -11.09 0.18
N PHE B 294 26.94 -10.73 1.04
CA PHE B 294 25.79 -11.57 1.35
C PHE B 294 24.54 -10.93 0.77
N ASN B 295 23.83 -11.70 -0.05
CA ASN B 295 22.76 -11.17 -0.87
C ASN B 295 21.36 -11.41 -0.32
N PRO B 296 20.43 -10.46 -0.57
CA PRO B 296 19.08 -10.61 -0.03
C PRO B 296 18.34 -11.83 -0.58
N GLU B 297 18.59 -12.18 -1.84
CA GLU B 297 17.95 -13.35 -2.45
C GLU B 297 18.37 -14.67 -1.79
N ASP B 298 19.52 -14.67 -1.11
CA ASP B 298 20.01 -15.84 -0.39
C ASP B 298 19.60 -15.82 1.09
N SER B 299 18.87 -14.77 1.48
CA SER B 299 18.45 -14.59 2.87
C SER B 299 16.94 -14.80 3.02
N ARG B 300 16.49 -14.90 4.26
CA ARG B 300 15.08 -15.18 4.52
C ARG B 300 14.29 -13.87 4.67
N PHE B 301 14.16 -13.17 3.55
CA PHE B 301 13.52 -11.86 3.51
C PHE B 301 12.17 -11.96 2.78
N PHE B 302 11.07 -11.74 3.50
CA PHE B 302 9.73 -11.90 2.93
C PHE B 302 8.75 -10.83 3.38
N GLU B 303 7.71 -10.63 2.55
CA GLU B 303 6.60 -9.77 2.92
C GLU B 303 5.28 -10.51 2.74
N TYR B 304 4.25 -10.03 3.44
CA TYR B 304 2.88 -10.49 3.23
C TYR B 304 1.95 -9.30 3.39
N LYS B 305 1.26 -8.98 2.29
CA LYS B 305 0.25 -7.92 2.26
C LYS B 305 0.73 -6.58 2.82
N SER B 306 1.93 -6.17 2.42
CA SER B 306 2.39 -4.81 2.69
C SER B 306 1.48 -3.85 1.95
N TYR B 307 1.32 -2.64 2.47
CA TYR B 307 0.58 -1.60 1.78
C TYR B 307 1.27 -0.24 1.95
N GLY B 308 0.73 0.79 1.30
CA GLY B 308 1.40 2.09 1.26
C GLY B 308 2.34 2.22 0.07
N ALA B 309 2.89 3.42 -0.12
CA ALA B 309 3.66 3.73 -1.31
C ALA B 309 4.99 2.98 -1.42
N GLY B 310 5.49 2.47 -0.30
CA GLY B 310 6.71 1.69 -0.30
C GLY B 310 6.49 0.20 -0.53
N ALA B 311 5.23 -0.18 -0.72
CA ALA B 311 4.85 -1.60 -0.86
C ALA B 311 4.70 -2.02 -2.31
N THR B 312 5.82 -2.29 -2.96
CA THR B 312 5.78 -2.80 -4.33
C THR B 312 5.99 -4.32 -4.32
N VAL B 313 5.36 -4.99 -5.26
CA VAL B 313 5.52 -6.43 -5.42
C VAL B 313 6.29 -6.71 -6.71
N SER B 314 7.43 -7.39 -6.57
CA SER B 314 8.30 -7.72 -7.70
C SER B 314 9.11 -8.97 -7.36
N LYS B 315 9.86 -9.48 -8.33
CA LYS B 315 10.71 -10.65 -8.12
C LYS B 315 11.80 -10.41 -7.07
N ASP B 316 12.16 -9.15 -6.84
CA ASP B 316 13.16 -8.78 -5.83
C ASP B 316 12.55 -8.65 -4.43
N ARG B 317 11.23 -8.78 -4.35
CA ARG B 317 10.53 -8.72 -3.07
C ARG B 317 9.57 -9.89 -2.94
N ARG B 318 10.09 -11.01 -2.42
CA ARG B 318 9.34 -12.25 -2.29
C ARG B 318 8.16 -12.12 -1.35
N GLN B 319 7.08 -12.80 -1.71
CA GLN B 319 5.82 -12.71 -0.99
C GLN B 319 5.46 -14.07 -0.41
N LEU B 320 4.92 -14.07 0.80
CA LEU B 320 4.39 -15.28 1.41
C LEU B 320 3.01 -15.59 0.82
N THR B 321 2.71 -16.89 0.69
CA THR B 321 1.35 -17.34 0.42
C THR B 321 0.53 -17.21 1.71
N ASP B 322 -0.80 -17.29 1.58
CA ASP B 322 -1.69 -17.29 2.74
C ASP B 322 -1.30 -18.38 3.75
N ALA B 323 -1.03 -19.57 3.26
CA ALA B 323 -0.63 -20.70 4.11
C ALA B 323 0.68 -20.42 4.84
N GLN B 324 1.65 -19.83 4.14
CA GLN B 324 2.93 -19.45 4.73
C GLN B 324 2.79 -18.37 5.79
N ALA B 325 1.91 -17.40 5.53
CA ALA B 325 1.63 -16.32 6.46
C ALA B 325 1.08 -16.83 7.79
N ALA B 326 0.34 -17.93 7.75
CA ALA B 326 -0.26 -18.53 8.94
C ALA B 326 0.79 -19.10 9.91
N GLU B 327 2.03 -19.23 9.43
CA GLU B 327 3.13 -19.71 10.26
C GLU B 327 3.76 -18.60 11.12
N TYR B 328 3.29 -17.37 10.93
CA TYR B 328 3.87 -16.22 11.62
C TYR B 328 2.90 -15.55 12.60
N THR B 329 2.01 -16.36 13.17
CA THR B 329 1.14 -15.89 14.26
C THR B 329 1.97 -15.73 15.52
N GLN B 330 1.48 -14.92 16.46
CA GLN B 330 2.16 -14.76 17.74
C GLN B 330 2.40 -16.10 18.44
N SER B 331 1.39 -16.97 18.40
CA SER B 331 1.48 -18.30 19.01
C SER B 331 2.66 -19.11 18.46
N LYS B 332 2.82 -19.11 17.14
CA LYS B 332 3.88 -19.87 16.49
C LYS B 332 5.25 -19.25 16.74
N VAL B 333 5.33 -17.92 16.64
CA VAL B 333 6.62 -17.23 16.75
C VAL B 333 7.16 -17.29 18.18
N LEU B 334 6.28 -17.14 19.17
CA LEU B 334 6.71 -17.10 20.57
C LEU B 334 6.61 -18.44 21.30
N GLY B 335 6.01 -19.44 20.65
CA GLY B 335 5.88 -20.77 21.22
C GLY B 335 5.07 -20.79 22.50
N ASP B 336 5.63 -21.41 23.54
CA ASP B 336 4.91 -21.59 24.79
C ASP B 336 4.89 -20.36 25.70
N TRP B 337 5.40 -19.24 25.19
CA TRP B 337 5.45 -18.00 25.97
C TRP B 337 4.31 -17.05 25.60
N THR B 338 3.49 -16.71 26.58
CA THR B 338 2.48 -15.66 26.44
C THR B 338 2.94 -14.43 27.23
N PRO B 339 3.38 -13.38 26.51
CA PRO B 339 3.82 -12.16 27.19
C PRO B 339 2.70 -11.58 28.04
N THR B 340 2.99 -11.37 29.33
CA THR B 340 2.03 -10.74 30.24
C THR B 340 2.72 -9.70 31.11
N LEU B 341 1.97 -8.67 31.46
CA LEU B 341 2.45 -7.65 32.38
C LEU B 341 1.97 -7.97 33.79
N PRO B 342 2.70 -7.51 34.82
CA PRO B 342 2.31 -7.74 36.21
C PRO B 342 0.95 -7.13 36.54
C1 ADA C . -7.59 21.85 -20.28
C2 ADA C . -8.24 21.09 -19.12
C3 ADA C . -7.66 19.69 -18.98
C4 ADA C . -7.77 18.94 -20.31
C5 ADA C . -7.15 19.75 -21.46
C6 ADA C . -7.40 19.06 -22.78
O1 ADA C . -6.22 22.16 -19.98
O2 ADA C . -8.09 21.81 -17.89
O3 ADA C . -8.32 18.96 -17.95
O4 ADA C . -9.14 18.61 -20.58
O5 ADA C . -7.69 21.09 -21.50
O6B ADA C . -8.41 19.37 -23.45
O6A ADA C . -6.57 18.20 -23.17
C1 ADA C . -10.24 17.71 -20.32
C2 ADA C . -10.86 17.09 -21.57
C3 ADA C . -11.75 18.09 -22.30
C4 ADA C . -12.72 18.79 -21.33
C5 ADA C . -12.00 19.32 -20.09
C6 ADA C . -13.01 19.88 -19.11
O2 ADA C . -9.81 16.68 -22.45
O3 ADA C . -12.47 17.45 -23.34
O4 ADA C . -13.73 17.87 -20.90
O5 ADA C . -11.27 18.25 -19.48
O6B ADA C . -12.89 19.58 -17.91
O6A ADA C . -13.91 20.63 -19.55
C1 ADA C . -14.94 17.53 -21.60
C2 ADA C . -16.16 18.34 -21.14
C3 ADA C . -16.56 17.91 -19.73
C4 ADA C . -16.75 16.39 -19.67
C5 ADA C . -15.46 15.71 -20.13
C6 ADA C . -15.54 14.20 -20.11
O2 ADA C . -15.84 19.74 -21.18
O3 ADA C . -17.75 18.60 -19.34
O4 ADA C . -17.80 16.01 -20.56
O5 ADA C . -15.18 16.13 -21.47
O6B ADA C . -16.02 13.58 -19.14
O6A ADA C . -15.08 13.61 -21.12
C1 ADA C . -18.94 15.27 -20.06
C2 ADA C . -19.62 14.54 -21.22
C3 ADA C . -20.21 15.55 -22.19
C4 ADA C . -21.16 16.50 -21.46
C5 ADA C . -20.40 17.20 -20.32
C6 ADA C . -21.33 18.10 -19.56
O2 ADA C . -18.69 13.70 -21.90
O3 ADA C . -20.88 14.88 -23.26
O4 ADA C . -22.28 15.80 -20.93
O5 ADA C . -19.83 16.22 -19.43
O6B ADA C . -21.48 17.91 -18.34
O6A ADA C . -21.90 19.02 -20.20
C1 ADA C . -23.61 16.15 -21.32
C2 ADA C . -24.65 15.72 -20.28
C3 ADA C . -24.75 14.20 -20.20
C4 ADA C . -24.97 13.59 -21.60
C5 ADA C . -23.89 14.09 -22.55
C6 ADA C . -24.07 13.56 -23.95
O2 ADA C . -24.26 16.26 -19.01
O3 ADA C . -25.79 13.81 -19.29
O4 ADA C . -26.24 13.97 -22.12
O5 ADA C . -23.89 15.53 -22.59
O6B ADA C . -24.36 12.34 -24.11
O6A ADA C . -23.96 14.35 -24.90
C1 M8C C . -27.29 13.37 -22.90
C2 M8C C . -28.25 14.27 -23.68
C3 M8C C . -29.21 14.98 -22.72
O4 M8C C . -30.72 13.11 -22.52
C5 M8C C . -28.81 13.18 -21.05
C6 M8C C . -29.42 12.17 -20.11
O6A M8C C . -29.92 12.53 -19.05
O6B M8C C . -29.42 10.76 -20.48
CH3 M8C C . -30.66 10.07 -20.65
O5 M8C C . -28.00 12.49 -22.01
C4 M8C C . -29.88 14.00 -21.76
O3 M8C C . -30.20 15.70 -23.46
O2 M8C C . -27.52 15.23 -24.44
C1 ADA D . 29.59 1.30 3.10
C2 ADA D . 28.06 1.19 2.97
C3 ADA D . 27.32 2.50 3.31
C4 ADA D . 27.88 3.16 4.57
C5 ADA D . 29.40 3.32 4.44
C6 ADA D . 30.00 4.00 5.66
O1 ADA D . 30.16 1.90 1.92
O2 ADA D . 27.71 0.78 1.64
O3 ADA D . 25.92 2.24 3.48
O4 ADA D . 27.54 2.38 5.72
O5 ADA D . 30.00 2.02 4.27
O6B ADA D . 31.21 3.80 5.91
O6A ADA D . 29.29 4.74 6.38
C1 ADA D . 26.99 1.43 6.67
C2 ADA D . 27.32 1.87 8.09
C3 ADA D . 28.81 1.63 8.40
C4 ADA D . 29.24 0.20 8.03
C5 ADA D . 28.78 -0.18 6.62
C6 ADA D . 29.08 -1.62 6.30
O2 ADA D . 26.99 3.26 8.27
O3 ADA D . 29.11 1.91 9.78
O4 ADA D . 28.70 -0.76 8.96
O5 ADA D . 27.38 0.06 6.47
O6B ADA D . 28.16 -2.33 5.85
O6A ADA D . 30.24 -2.06 6.50
C1 ADA D . 29.21 -1.15 10.25
C2 ADA D . 30.02 -2.44 10.17
C3 ADA D . 29.09 -3.63 9.92
C4 ADA D . 27.97 -3.66 10.96
C5 ADA D . 27.20 -2.34 10.88
C6 ADA D . 26.04 -2.23 11.85
O2 ADA D . 31.01 -2.35 9.12
O3 ADA D . 29.85 -4.84 9.93
O4 ADA D . 28.54 -3.81 12.26
O5 ADA D . 28.12 -1.29 11.17
O6B ADA D . 25.23 -3.18 12.01
O6A ADA D . 25.94 -1.15 12.46
C1 ADA D . 28.13 -4.88 13.13
C2 ADA D . 28.42 -4.53 14.60
C3 ADA D . 29.92 -4.45 14.85
C4 ADA D . 30.63 -5.72 14.38
C5 ADA D . 30.27 -6.00 12.93
C6 ADA D . 30.91 -7.29 12.49
O2 ADA D . 27.81 -3.27 14.92
O3 ADA D . 30.18 -4.22 16.24
O4 ADA D . 30.24 -6.85 15.18
O5 ADA D . 28.85 -6.06 12.74
O6B ADA D . 30.19 -8.19 12.03
O6A ADA D . 32.15 -7.39 12.62
C1 ADA D . 31.13 -7.56 16.04
C2 ADA D . 30.59 -8.97 16.32
C3 ADA D . 29.34 -8.92 17.20
C4 ADA D . 29.61 -8.12 18.47
C5 ADA D . 30.12 -6.72 18.09
C6 ADA D . 30.41 -5.88 19.30
O2 ADA D . 30.27 -9.61 15.08
O3 ADA D . 28.91 -10.25 17.53
O4 ADA D . 30.58 -8.79 19.29
O5 ADA D . 31.28 -6.82 17.26
O6B ADA D . 29.58 -5.84 20.23
O6A ADA D . 31.49 -5.24 19.33
C1 SHB D . 31.21 -9.89 19.99
C2 SHB D . 32.08 -9.68 21.23
C3 SHB D . 32.35 -11.00 21.96
O4 SHB D . 30.27 -11.23 23.18
C5 SHB D . 30.28 -11.92 20.86
C6 SHB D . 28.99 -12.68 21.06
O6A SHB D . 28.71 -13.61 20.32
O6 SHB D . 28.06 -12.30 22.12
CH3 SHB D . 27.64 -13.25 23.10
O5 SHB D . 30.02 -10.61 20.33
C4 SHB D . 31.08 -11.83 22.16
O3 SHB D . 32.97 -10.73 23.22
O2 SHB D . 33.31 -9.06 20.86
#